data_1VG0
#
_entry.id   1VG0
#
_cell.length_a   64.300
_cell.length_b   105.300
_cell.length_c   132.600
_cell.angle_alpha   90.00
_cell.angle_beta   90.00
_cell.angle_gamma   90.00
#
_symmetry.space_group_name_H-M   'P 21 21 2'
#
loop_
_entity.id
_entity.type
_entity.pdbx_description
1 polymer 'Rab proteins geranylgeranyltransferase component A 1'
2 polymer 'Ras-related protein Rab-7'
3 non-polymer 'CHLORIDE ION'
4 non-polymer 'GERAN-8-YL GERAN'
5 non-polymer 'MAGNESIUM ION'
6 non-polymer "GUANOSINE-5'-DIPHOSPHATE"
7 non-polymer 'TETRAETHYLENE GLYCOL'
8 water water
#
loop_
_entity_poly.entity_id
_entity_poly.type
_entity_poly.pdbx_seq_one_letter_code
_entity_poly.pdbx_strand_id
1 'polypeptide(L)'
;MADNLPSDFDVIVIGTGLPESIIAAACSRSGQRVLHVDSRSYYGGNWASFSFSGLLSWLKEYQENNDVVTENSMWQEQIL
ENEEAIPLSSKDKTIQHVEVFCYASQDLHKDVEEAGALQKNHASVTSAQSAEAAEAAETSCLPTAVEPLSMGSCEIPAEQ
SQCPGPESSPEVNDAEATGKKENSDAKSSTEEPSENVPKVQDNTETPKKNRITYSQIIKEGRRFNIDLVSKLLYSRGLLI
DLLIKSNVSRYAEFKNITRILAFREGTVEQVPCSRADVFNSKQLTMVEKRMLMKFLTFCVEYEEHPDEYRAYEGTTFSEY
LKTQKLTPNLQYFVLHSIAMTSETTSCTVDGLKATKKFLQCLGRYGNTPFLFPLYGQGELPQCFCRMCAVFGGIYCLRHS
VQCLVVDKESRKCKAVIDQFGQRIISKHFIIEDSYLSENTCSRVQYRQISRAVLITDGSVLRTDADQQVSILTVPAEEPG
SFAVRVIELCSSTMTCMKGTYLVHLTCMSSKTAREDLERVVQKLFTPYTEIEAENEQVEKPRLLWALYFNMRDSSDISRD
CYNDLPSNVYVCSGPDSGLGNDNAVKQAETLFQQICPNEDFCPAPPNPEDIVLDGDSSQQEVPESSVTPETNSETPKEST
VLGNPEEPSE
;
A
2 'polypeptide(L)'
;MTSRKKVLLKVIILGDSGVGKTSLMNQYVNKKFSNQYKATIGADFLTKEVMVDDRLVTMQIWDTAGQERFQSLGVAFYRG
ADCCVLVFDVTAPNTFKTLDSWRDEFLIQASPRDPENFPFVVLGNKIDLENRQVATKRAQAWCYSKNNIPYFETSAKEAI
NVEQAFQTIARNALKQETEVELYNEFPEPIKLDKNERAKASAESCSC
;
B
#
loop_
_chem_comp.id
_chem_comp.type
_chem_comp.name
_chem_comp.formula
CL non-polymer 'CHLORIDE ION' 'Cl -1'
GDP RNA linking GUANOSINE-5'-DIPHOSPHATE 'C10 H15 N5 O11 P2'
GER non-polymer 'GERAN-8-YL GERAN' 'C20 H34'
MG non-polymer 'MAGNESIUM ION' 'Mg 2'
PG4 non-polymer 'TETRAETHYLENE GLYCOL' 'C8 H18 O5'
#
# COMPACT_ATOMS: atom_id res chain seq x y z
N ASP A 3 -13.21 -22.46 -12.22
CA ASP A 3 -12.96 -21.51 -13.36
C ASP A 3 -11.63 -21.89 -14.01
N ASN A 4 -11.43 -21.44 -15.25
CA ASN A 4 -10.17 -21.75 -15.95
C ASN A 4 -9.61 -20.51 -16.65
N LEU A 5 -8.31 -20.30 -16.49
CA LEU A 5 -7.65 -19.13 -17.06
C LEU A 5 -7.76 -19.00 -18.57
N PRO A 6 -8.18 -17.83 -19.05
CA PRO A 6 -8.31 -17.58 -20.49
C PRO A 6 -6.96 -17.78 -21.16
N SER A 7 -6.96 -18.14 -22.43
CA SER A 7 -5.70 -18.36 -23.11
C SER A 7 -5.13 -17.10 -23.76
N ASP A 8 -5.92 -16.04 -23.80
CA ASP A 8 -5.40 -14.80 -24.38
C ASP A 8 -5.86 -13.52 -23.67
N PHE A 9 -4.94 -12.57 -23.61
CA PHE A 9 -5.17 -11.29 -22.96
C PHE A 9 -4.55 -10.19 -23.81
N ASP A 10 -4.86 -8.94 -23.46
CA ASP A 10 -4.27 -7.78 -24.12
C ASP A 10 -2.97 -7.44 -23.39
N VAL A 11 -3.03 -7.49 -22.07
CA VAL A 11 -1.89 -7.17 -21.21
C VAL A 11 -1.70 -8.16 -20.05
N ILE A 12 -0.50 -8.66 -19.90
CA ILE A 12 -0.18 -9.54 -18.77
C ILE A 12 0.85 -8.78 -17.95
N VAL A 13 0.56 -8.62 -16.66
CA VAL A 13 1.43 -7.90 -15.73
C VAL A 13 1.91 -8.91 -14.69
N ILE A 14 3.22 -8.96 -14.51
CA ILE A 14 3.83 -9.90 -13.58
C ILE A 14 4.43 -9.13 -12.42
N GLY A 15 3.80 -9.24 -11.26
CA GLY A 15 4.26 -8.51 -10.07
C GLY A 15 3.16 -7.54 -9.65
N THR A 16 2.90 -7.43 -8.35
CA THR A 16 1.86 -6.50 -7.91
C THR A 16 2.42 -5.34 -7.05
N GLY A 17 3.62 -4.89 -7.36
CA GLY A 17 4.19 -3.75 -6.68
C GLY A 17 3.42 -2.49 -7.09
N LEU A 18 3.74 -1.34 -6.49
CA LEU A 18 2.99 -0.13 -6.81
C LEU A 18 2.97 0.26 -8.28
N PRO A 19 4.12 0.42 -8.95
CA PRO A 19 4.08 0.80 -10.38
C PRO A 19 3.27 -0.21 -11.23
N GLU A 20 3.49 -1.50 -11.02
CA GLU A 20 2.74 -2.50 -11.82
C GLU A 20 1.23 -2.35 -11.64
N SER A 21 0.80 -2.11 -10.41
CA SER A 21 -0.62 -2.01 -10.14
C SER A 21 -1.23 -0.75 -10.72
N ILE A 22 -0.49 0.36 -10.76
CA ILE A 22 -1.03 1.59 -11.36
C ILE A 22 -1.18 1.37 -12.87
N ILE A 23 -0.20 0.71 -13.50
CA ILE A 23 -0.32 0.49 -14.93
C ILE A 23 -1.44 -0.53 -15.24
N ALA A 24 -1.56 -1.57 -14.40
CA ALA A 24 -2.63 -2.55 -14.60
C ALA A 24 -3.97 -1.85 -14.51
N ALA A 25 -4.12 -1.01 -13.48
CA ALA A 25 -5.38 -0.27 -13.30
C ALA A 25 -5.60 0.66 -14.51
N ALA A 26 -4.55 1.34 -14.97
CA ALA A 26 -4.70 2.23 -16.11
C ALA A 26 -5.12 1.47 -17.36
N CYS A 27 -4.47 0.34 -17.61
CA CYS A 27 -4.80 -0.43 -18.82
C CYS A 27 -6.19 -1.04 -18.77
N SER A 28 -6.58 -1.50 -17.61
CA SER A 28 -7.90 -2.13 -17.49
C SER A 28 -9.00 -1.04 -17.63
N ARG A 29 -8.78 0.10 -16.97
CA ARG A 29 -9.70 1.23 -17.03
C ARG A 29 -9.95 1.70 -18.47
N SER A 30 -8.90 1.65 -19.28
CA SER A 30 -9.01 2.09 -20.67
C SER A 30 -9.68 1.07 -21.59
N GLY A 31 -9.91 -0.14 -21.09
CA GLY A 31 -10.56 -1.18 -21.90
C GLY A 31 -9.68 -2.37 -22.27
N GLN A 32 -8.44 -2.40 -21.82
CA GLN A 32 -7.60 -3.56 -22.15
C GLN A 32 -7.96 -4.72 -21.24
N ARG A 33 -7.89 -5.95 -21.75
CA ARG A 33 -8.16 -7.15 -20.96
C ARG A 33 -6.86 -7.44 -20.26
N VAL A 34 -6.83 -7.28 -18.95
CA VAL A 34 -5.61 -7.49 -18.18
C VAL A 34 -5.59 -8.74 -17.31
N LEU A 35 -4.43 -9.39 -17.25
CA LEU A 35 -4.17 -10.54 -16.39
C LEU A 35 -3.05 -10.06 -15.46
N HIS A 36 -3.30 -10.09 -14.16
CA HIS A 36 -2.28 -9.62 -13.20
C HIS A 36 -1.91 -10.74 -12.25
N VAL A 37 -0.67 -11.20 -12.31
CA VAL A 37 -0.22 -12.28 -11.43
C VAL A 37 0.89 -11.90 -10.51
N ASP A 38 1.08 -12.70 -9.47
CA ASP A 38 2.16 -12.49 -8.51
C ASP A 38 2.53 -13.89 -8.00
N SER A 39 3.81 -14.16 -7.84
CA SER A 39 4.17 -15.49 -7.42
C SER A 39 3.98 -15.66 -5.91
N ARG A 40 3.72 -14.57 -5.21
CA ARG A 40 3.53 -14.58 -3.77
C ARG A 40 2.07 -14.81 -3.40
N SER A 41 1.85 -15.09 -2.13
CA SER A 41 0.52 -15.35 -1.65
C SER A 41 -0.08 -14.07 -1.08
N TYR A 42 0.54 -12.93 -1.39
CA TYR A 42 0.02 -11.65 -0.93
C TYR A 42 0.39 -10.56 -1.95
N TYR A 43 -0.30 -9.44 -1.90
CA TYR A 43 -0.07 -8.31 -2.83
C TYR A 43 1.07 -7.37 -2.45
N GLY A 44 1.70 -6.76 -3.48
CA GLY A 44 2.66 -5.71 -3.21
C GLY A 44 4.15 -5.93 -3.54
N GLY A 45 4.59 -7.17 -3.70
CA GLY A 45 5.99 -7.39 -3.96
C GLY A 45 6.81 -6.71 -2.87
N ASN A 46 7.81 -5.92 -3.25
CA ASN A 46 8.60 -5.23 -2.26
C ASN A 46 7.92 -3.99 -1.66
N TRP A 47 6.67 -3.75 -2.03
CA TRP A 47 5.90 -2.60 -1.52
C TRP A 47 4.90 -3.06 -0.49
N ALA A 48 4.89 -4.36 -0.20
CA ALA A 48 3.91 -4.88 0.74
C ALA A 48 4.15 -4.57 2.22
N SER A 49 3.12 -4.75 3.05
CA SER A 49 3.24 -4.59 4.50
C SER A 49 2.90 -5.98 5.07
N PHE A 50 3.27 -6.21 6.32
CA PHE A 50 3.04 -7.48 6.97
C PHE A 50 2.56 -7.42 8.42
N SER A 51 1.76 -8.40 8.81
CA SER A 51 1.39 -8.47 10.21
C SER A 51 2.66 -8.91 10.89
N PHE A 52 2.74 -8.98 12.21
CA PHE A 52 4.01 -9.42 12.79
C PHE A 52 4.41 -10.85 12.39
N SER A 53 3.45 -11.79 12.40
CA SER A 53 3.80 -13.17 12.00
C SER A 53 4.08 -13.18 10.50
N GLY A 54 3.33 -12.36 9.77
CA GLY A 54 3.53 -12.25 8.33
C GLY A 54 4.97 -11.87 8.06
N LEU A 55 5.49 -10.90 8.83
CA LEU A 55 6.86 -10.44 8.65
C LEU A 55 7.89 -11.53 9.05
N LEU A 56 7.60 -12.30 10.09
CA LEU A 56 8.52 -13.38 10.51
C LEU A 56 8.59 -14.39 9.37
N SER A 57 7.45 -14.61 8.71
CA SER A 57 7.36 -15.54 7.59
C SER A 57 8.18 -15.04 6.42
N TRP A 58 8.09 -13.73 6.18
CA TRP A 58 8.81 -13.09 5.11
C TRP A 58 10.33 -13.19 5.31
N LEU A 59 10.77 -12.97 6.55
CA LEU A 59 12.20 -13.05 6.91
C LEU A 59 12.90 -14.33 6.46
N LYS A 60 12.41 -15.47 6.96
CA LYS A 60 12.96 -16.79 6.63
C LYS A 60 13.59 -16.90 5.23
N GLU A 61 12.81 -16.54 4.21
CA GLU A 61 13.29 -16.62 2.85
C GLU A 61 14.70 -16.07 2.63
N TYR A 62 15.02 -14.93 3.25
CA TYR A 62 16.33 -14.38 3.04
C TYR A 62 17.33 -14.62 4.16
N GLN A 63 17.28 -15.83 4.72
CA GLN A 63 18.19 -16.25 5.79
C GLN A 63 18.61 -17.71 5.61
N MET A 74 9.38 -29.85 -17.88
CA MET A 74 9.85 -28.53 -18.30
C MET A 74 9.09 -28.00 -19.51
N TRP A 75 8.99 -26.67 -19.58
CA TRP A 75 8.32 -25.96 -20.67
C TRP A 75 9.05 -26.05 -22.00
N GLN A 76 10.37 -26.25 -21.95
CA GLN A 76 11.17 -26.35 -23.19
C GLN A 76 10.42 -27.15 -24.26
N GLU A 77 9.73 -28.19 -23.81
CA GLU A 77 8.95 -29.06 -24.68
C GLU A 77 7.86 -28.39 -25.56
N GLN A 78 7.24 -27.32 -25.05
CA GLN A 78 6.19 -26.59 -25.78
C GLN A 78 6.68 -25.53 -26.77
N ILE A 79 7.97 -25.24 -26.74
CA ILE A 79 8.53 -24.24 -27.64
C ILE A 79 8.67 -24.82 -29.05
N LEU A 80 8.05 -24.16 -30.02
CA LEU A 80 8.13 -24.62 -31.40
C LEU A 80 9.50 -24.21 -31.95
N GLU A 81 9.89 -24.77 -33.09
CA GLU A 81 11.20 -24.46 -33.66
C GLU A 81 11.31 -23.01 -34.13
N ASN A 82 10.18 -22.35 -34.37
CA ASN A 82 10.19 -20.96 -34.82
C ASN A 82 10.10 -19.98 -33.63
N GLU A 83 10.20 -20.52 -32.40
CA GLU A 83 10.13 -19.71 -31.18
C GLU A 83 11.37 -19.94 -30.31
N GLU A 84 11.56 -19.06 -29.34
CA GLU A 84 12.67 -19.17 -28.40
C GLU A 84 12.08 -18.82 -27.03
N ALA A 85 12.70 -19.32 -25.99
CA ALA A 85 12.19 -19.05 -24.66
C ALA A 85 13.11 -18.12 -23.92
N ILE A 86 12.51 -17.29 -23.06
CA ILE A 86 13.30 -16.40 -22.18
C ILE A 86 12.80 -16.79 -20.81
N PRO A 87 13.58 -17.60 -20.09
CA PRO A 87 13.14 -18.00 -18.76
C PRO A 87 13.12 -16.80 -17.84
N LEU A 88 12.23 -16.82 -16.86
CA LEU A 88 12.15 -15.75 -15.86
C LEU A 88 12.82 -16.25 -14.57
N SER A 89 12.99 -15.37 -13.60
CA SER A 89 13.61 -15.72 -12.33
C SER A 89 12.81 -16.80 -11.57
N SER A 90 13.51 -17.63 -10.79
CA SER A 90 12.85 -18.68 -10.02
C SER A 90 13.04 -18.37 -8.54
N LYS A 91 13.91 -17.42 -8.28
CA LYS A 91 14.21 -17.02 -6.93
C LYS A 91 14.46 -15.52 -6.80
N ASP A 92 13.74 -14.90 -5.89
CA ASP A 92 13.88 -13.48 -5.65
C ASP A 92 15.17 -13.18 -4.89
N LYS A 93 15.94 -12.24 -5.41
CA LYS A 93 17.21 -11.85 -4.82
C LYS A 93 17.31 -10.36 -4.52
N THR A 94 16.18 -9.70 -4.32
CA THR A 94 16.16 -8.26 -4.06
C THR A 94 16.44 -7.85 -2.61
N ILE A 95 16.56 -8.84 -1.73
CA ILE A 95 16.74 -8.53 -0.31
C ILE A 95 18.02 -9.12 0.23
N GLN A 96 18.82 -8.30 0.91
CA GLN A 96 20.08 -8.79 1.46
C GLN A 96 20.36 -8.31 2.88
N HIS A 97 21.33 -8.98 3.51
CA HIS A 97 21.80 -8.62 4.84
C HIS A 97 20.74 -8.43 5.92
N VAL A 98 19.83 -9.38 6.01
CA VAL A 98 18.77 -9.33 7.00
C VAL A 98 19.40 -9.61 8.39
N GLU A 99 19.11 -8.74 9.36
CA GLU A 99 19.63 -8.91 10.71
C GLU A 99 18.48 -8.51 11.63
N VAL A 100 18.04 -9.46 12.45
CA VAL A 100 16.93 -9.24 13.40
C VAL A 100 17.43 -9.32 14.84
N PHE A 101 17.07 -8.31 15.63
CA PHE A 101 17.47 -8.27 17.03
C PHE A 101 16.23 -8.12 17.87
N CYS A 102 16.09 -8.97 18.89
CA CYS A 102 14.95 -8.89 19.82
C CYS A 102 15.52 -8.52 21.17
N TYR A 103 15.26 -7.31 21.63
CA TYR A 103 15.79 -6.86 22.91
C TYR A 103 14.82 -7.03 24.08
N ALA A 104 13.56 -7.29 23.76
CA ALA A 104 12.56 -7.45 24.80
C ALA A 104 12.67 -8.87 25.35
N SER A 105 12.18 -9.01 26.58
CA SER A 105 12.17 -10.27 27.30
C SER A 105 11.59 -11.37 26.43
N GLN A 106 12.30 -12.49 26.33
CA GLN A 106 11.83 -13.62 25.55
C GLN A 106 11.35 -14.78 26.42
N ARG A 211 7.67 -3.24 30.80
CA ARG A 211 6.34 -3.82 30.78
C ARG A 211 6.14 -4.70 29.54
N ILE A 212 6.46 -4.19 28.36
CA ILE A 212 6.26 -4.96 27.14
C ILE A 212 7.29 -6.06 26.87
N THR A 213 6.80 -7.29 26.68
CA THR A 213 7.64 -8.44 26.40
C THR A 213 7.39 -8.93 24.98
N TYR A 214 8.30 -9.76 24.47
CA TYR A 214 8.19 -10.29 23.13
C TYR A 214 6.88 -11.05 22.97
N SER A 215 6.49 -11.76 24.02
CA SER A 215 5.26 -12.54 24.01
C SER A 215 4.04 -11.63 23.75
N GLN A 216 4.08 -10.40 24.23
CA GLN A 216 2.97 -9.50 24.01
C GLN A 216 2.93 -8.97 22.57
N ILE A 217 4.09 -8.88 21.93
CA ILE A 217 4.11 -8.40 20.56
C ILE A 217 3.48 -9.50 19.70
N ILE A 218 3.84 -10.74 19.98
CA ILE A 218 3.32 -11.87 19.23
C ILE A 218 1.80 -11.96 19.34
N LYS A 219 1.32 -11.82 20.56
CA LYS A 219 -0.11 -11.90 20.85
C LYS A 219 -0.89 -10.88 20.05
N GLU A 220 -0.36 -9.67 19.98
CA GLU A 220 -1.02 -8.61 19.24
C GLU A 220 -0.42 -8.45 17.84
N GLY A 221 0.23 -9.50 17.35
CA GLY A 221 0.85 -9.43 16.04
C GLY A 221 -0.02 -8.94 14.90
N ARG A 222 -1.31 -9.22 14.97
CA ARG A 222 -2.22 -8.80 13.92
C ARG A 222 -2.50 -7.30 13.92
N ARG A 223 -2.05 -6.61 14.97
CA ARG A 223 -2.23 -5.15 15.07
C ARG A 223 -1.10 -4.45 14.32
N PHE A 224 -0.11 -5.21 13.86
CA PHE A 224 1.01 -4.60 13.16
C PHE A 224 0.83 -4.72 11.64
N ASN A 225 1.19 -3.69 10.92
CA ASN A 225 1.19 -3.60 9.46
C ASN A 225 2.49 -2.91 9.20
N ILE A 226 3.53 -3.73 9.05
CA ILE A 226 4.90 -3.27 8.91
C ILE A 226 5.35 -3.19 7.48
N ASP A 227 5.54 -1.97 6.99
CA ASP A 227 5.94 -1.73 5.60
C ASP A 227 7.36 -2.04 5.24
N LEU A 228 7.59 -2.62 4.06
CA LEU A 228 8.96 -2.83 3.61
C LEU A 228 9.43 -1.48 3.03
N VAL A 229 8.47 -0.64 2.65
CA VAL A 229 8.74 0.69 2.07
C VAL A 229 8.32 1.82 3.02
N SER A 230 9.28 2.67 3.35
CA SER A 230 8.99 3.79 4.24
C SER A 230 8.92 5.05 3.42
N LYS A 231 7.70 5.53 3.19
CA LYS A 231 7.50 6.74 2.37
C LYS A 231 6.34 7.54 2.96
N LEU A 232 6.20 8.79 2.52
CA LEU A 232 5.10 9.62 2.97
C LEU A 232 4.38 10.08 1.69
N LEU A 233 3.16 10.56 1.84
CA LEU A 233 2.41 11.08 0.69
C LEU A 233 2.45 12.61 0.77
N TYR A 234 2.98 13.27 -0.28
CA TYR A 234 3.00 14.74 -0.34
C TYR A 234 1.56 15.19 -0.61
N SER A 235 1.11 16.24 0.10
CA SER A 235 -0.29 16.72 -0.03
C SER A 235 -0.61 17.22 -1.41
N ARG A 236 0.41 17.57 -2.13
CA ARG A 236 0.34 18.03 -3.48
C ARG A 236 1.44 17.25 -4.19
N GLY A 237 1.09 16.45 -5.18
CA GLY A 237 2.10 15.67 -5.88
C GLY A 237 1.44 14.71 -6.83
N LEU A 238 2.25 13.98 -7.59
CA LEU A 238 1.71 13.07 -8.59
C LEU A 238 0.80 11.98 -8.04
N LEU A 239 1.19 11.32 -6.96
CA LEU A 239 0.32 10.24 -6.45
C LEU A 239 -1.01 10.73 -5.87
N ILE A 240 -0.97 11.74 -5.00
CA ILE A 240 -2.24 12.22 -4.44
C ILE A 240 -3.15 12.74 -5.55
N ASP A 241 -2.58 13.35 -6.59
CA ASP A 241 -3.41 13.86 -7.71
C ASP A 241 -4.07 12.68 -8.43
N LEU A 242 -3.28 11.64 -8.63
CA LEU A 242 -3.75 10.43 -9.30
C LEU A 242 -4.80 9.70 -8.48
N LEU A 243 -4.59 9.64 -7.17
CA LEU A 243 -5.55 8.97 -6.28
C LEU A 243 -6.91 9.69 -6.37
N ILE A 244 -6.89 11.02 -6.37
CA ILE A 244 -8.11 11.82 -6.42
C ILE A 244 -8.79 11.78 -7.78
N LYS A 245 -8.03 11.94 -8.86
CA LYS A 245 -8.60 11.91 -10.20
C LYS A 245 -9.24 10.56 -10.55
N SER A 246 -8.52 9.48 -10.28
CA SER A 246 -9.00 8.13 -10.58
C SER A 246 -10.10 7.65 -9.64
N ASN A 247 -10.21 8.28 -8.48
CA ASN A 247 -11.16 7.87 -7.48
C ASN A 247 -10.69 6.65 -6.68
N VAL A 248 -9.43 6.26 -6.87
CA VAL A 248 -8.85 5.17 -6.08
C VAL A 248 -8.78 5.65 -4.63
N SER A 249 -8.83 6.97 -4.43
CA SER A 249 -8.82 7.59 -3.09
C SER A 249 -9.93 7.03 -2.17
N ARG A 250 -11.02 6.56 -2.78
CA ARG A 250 -12.13 6.00 -2.01
C ARG A 250 -11.75 4.70 -1.31
N TYR A 251 -10.65 4.07 -1.72
CA TYR A 251 -10.24 2.80 -1.14
C TYR A 251 -9.31 2.95 0.07
N ALA A 252 -9.02 4.17 0.47
CA ALA A 252 -8.13 4.33 1.59
C ALA A 252 -8.40 5.56 2.46
N GLU A 253 -7.72 5.59 3.59
CA GLU A 253 -7.83 6.70 4.51
C GLU A 253 -6.41 7.07 4.92
N PHE A 254 -6.26 8.29 5.44
CA PHE A 254 -4.95 8.82 5.80
C PHE A 254 -4.92 9.53 7.14
N LYS A 255 -3.71 9.73 7.65
CA LYS A 255 -3.44 10.45 8.90
C LYS A 255 -2.46 11.53 8.53
N ASN A 256 -2.59 12.70 9.15
CA ASN A 256 -1.66 13.82 8.92
C ASN A 256 -0.37 13.57 9.66
N ILE A 257 0.74 13.93 9.03
CA ILE A 257 1.98 13.91 9.74
C ILE A 257 1.87 15.18 10.58
N THR A 258 2.10 15.15 11.88
CA THR A 258 1.92 16.32 12.72
C THR A 258 3.21 17.04 13.08
N ARG A 259 4.35 16.35 13.02
CA ARG A 259 5.60 16.99 13.41
C ARG A 259 6.78 16.73 12.48
N ILE A 260 7.55 17.78 12.26
CA ILE A 260 8.80 17.71 11.50
C ILE A 260 9.85 17.81 12.62
N LEU A 261 10.82 16.92 12.66
CA LEU A 261 11.82 16.94 13.75
C LEU A 261 13.26 16.97 13.29
N ALA A 262 14.16 17.43 14.15
CA ALA A 262 15.57 17.45 13.81
C ALA A 262 16.41 17.37 15.08
N PHE A 263 17.70 17.12 14.92
CA PHE A 263 18.61 17.10 16.06
C PHE A 263 19.24 18.47 16.34
N ARG A 264 19.14 18.91 17.59
CA ARG A 264 19.70 20.18 18.03
C ARG A 264 20.75 19.90 19.11
N GLU A 265 21.93 19.46 18.68
CA GLU A 265 23.03 19.15 19.60
C GLU A 265 22.76 17.87 20.37
N GLY A 266 22.55 16.77 19.66
CA GLY A 266 22.28 15.50 20.30
C GLY A 266 20.88 15.36 20.88
N THR A 267 20.07 16.42 20.80
CA THR A 267 18.71 16.39 21.32
C THR A 267 17.67 16.58 20.20
N VAL A 268 16.68 15.71 20.15
CA VAL A 268 15.66 15.81 19.12
C VAL A 268 14.70 16.93 19.46
N GLU A 269 14.40 17.79 18.50
CA GLU A 269 13.45 18.86 18.74
C GLU A 269 12.54 19.11 17.53
N GLN A 270 11.37 19.67 17.78
CA GLN A 270 10.42 19.97 16.71
C GLN A 270 10.86 21.24 15.99
N VAL A 271 10.81 21.23 14.66
CA VAL A 271 11.20 22.41 13.89
C VAL A 271 9.96 23.15 13.38
N PRO A 272 10.01 24.50 13.35
CA PRO A 272 8.91 25.35 12.88
C PRO A 272 8.32 24.83 11.59
N CYS A 273 7.00 24.83 11.47
CA CYS A 273 6.40 24.35 10.24
C CYS A 273 5.27 25.25 9.72
N SER A 274 5.13 26.43 10.33
CA SER A 274 4.10 27.37 9.93
C SER A 274 4.41 28.78 10.38
N ARG A 275 3.65 29.72 9.86
CA ARG A 275 3.80 31.12 10.20
C ARG A 275 3.65 31.22 11.71
N ALA A 276 2.61 30.60 12.25
CA ALA A 276 2.39 30.63 13.69
C ALA A 276 3.60 30.08 14.45
N ASP A 277 4.20 29.01 13.90
CA ASP A 277 5.37 28.40 14.53
C ASP A 277 6.53 29.38 14.57
N VAL A 278 6.78 30.06 13.46
CA VAL A 278 7.88 31.03 13.45
C VAL A 278 7.59 32.16 14.45
N PHE A 279 6.33 32.59 14.53
CA PHE A 279 5.95 33.65 15.48
C PHE A 279 6.22 33.23 16.94
N ASN A 280 5.82 32.01 17.30
CA ASN A 280 6.01 31.54 18.67
C ASN A 280 7.39 30.94 18.96
N SER A 281 8.25 30.87 17.96
CA SER A 281 9.56 30.31 18.18
C SER A 281 10.38 31.18 19.11
N LYS A 282 11.03 30.55 20.08
CA LYS A 282 11.88 31.25 21.03
C LYS A 282 13.30 30.80 20.75
N GLN A 283 13.48 30.04 19.67
CA GLN A 283 14.78 29.52 19.29
C GLN A 283 15.39 30.28 18.12
N LEU A 284 14.63 31.22 17.58
CA LEU A 284 15.11 32.02 16.44
C LEU A 284 15.03 33.50 16.83
N THR A 285 16.07 34.24 16.50
CA THR A 285 16.10 35.66 16.80
C THR A 285 15.17 36.41 15.85
N MET A 286 14.82 37.64 16.22
CA MET A 286 13.96 38.43 15.37
C MET A 286 14.55 38.63 13.97
N VAL A 287 15.87 38.77 13.89
CA VAL A 287 16.48 38.95 12.58
C VAL A 287 16.36 37.66 11.77
N GLU A 288 16.46 36.51 12.44
CA GLU A 288 16.35 35.24 11.75
C GLU A 288 14.96 35.05 11.18
N LYS A 289 13.94 35.40 11.95
CA LYS A 289 12.58 35.25 11.48
C LYS A 289 12.40 36.08 10.22
N ARG A 290 12.93 37.31 10.26
CA ARG A 290 12.82 38.19 9.11
C ARG A 290 13.56 37.57 7.92
N MET A 291 14.79 37.11 8.15
CA MET A 291 15.57 36.49 7.08
C MET A 291 14.81 35.33 6.43
N LEU A 292 14.32 34.43 7.28
CA LEU A 292 13.60 33.24 6.84
C LEU A 292 12.37 33.56 6.00
N MET A 293 11.48 34.41 6.54
CA MET A 293 10.27 34.74 5.77
C MET A 293 10.66 35.30 4.41
N LYS A 294 11.58 36.26 4.40
CA LYS A 294 12.02 36.85 3.15
C LYS A 294 12.50 35.73 2.19
N PHE A 295 13.38 34.86 2.67
CA PHE A 295 13.91 33.79 1.81
C PHE A 295 12.87 32.75 1.32
N LEU A 296 11.98 32.31 2.20
CA LEU A 296 10.98 31.32 1.78
C LEU A 296 9.93 31.95 0.86
N THR A 297 9.72 33.26 1.00
CA THR A 297 8.77 33.95 0.13
C THR A 297 9.33 33.87 -1.29
N PHE A 298 10.64 34.05 -1.40
CA PHE A 298 11.35 33.98 -2.66
C PHE A 298 11.32 32.53 -3.20
N CYS A 299 11.68 31.55 -2.37
CA CYS A 299 11.67 30.15 -2.82
C CYS A 299 10.35 29.75 -3.46
N VAL A 300 9.23 30.18 -2.86
CA VAL A 300 7.91 29.88 -3.38
C VAL A 300 7.74 30.35 -4.82
N GLU A 301 8.27 31.51 -5.13
CA GLU A 301 8.16 32.04 -6.49
C GLU A 301 9.55 32.23 -7.09
N TYR A 302 10.43 31.26 -6.82
CA TYR A 302 11.81 31.32 -7.29
C TYR A 302 12.02 31.41 -8.81
N GLU A 303 11.28 30.64 -9.58
CA GLU A 303 11.49 30.67 -11.03
C GLU A 303 11.18 32.01 -11.68
N GLU A 304 10.83 33.00 -10.86
CA GLU A 304 10.51 34.34 -11.34
C GLU A 304 11.62 35.34 -11.05
N HIS A 305 12.73 34.85 -10.55
CA HIS A 305 13.87 35.70 -10.22
C HIS A 305 15.07 34.93 -10.74
N PRO A 306 15.11 34.67 -12.06
CA PRO A 306 16.21 33.94 -12.69
C PRO A 306 17.59 34.36 -12.23
N ASP A 307 17.95 35.63 -12.46
CA ASP A 307 19.28 36.14 -12.08
C ASP A 307 19.56 36.05 -10.57
N GLU A 308 18.50 35.89 -9.80
CA GLU A 308 18.61 35.78 -8.36
C GLU A 308 19.43 34.54 -7.95
N TYR A 309 19.43 33.51 -8.79
CA TYR A 309 20.16 32.28 -8.51
C TYR A 309 20.96 31.78 -9.74
N ARG A 310 20.74 32.44 -10.88
CA ARG A 310 21.37 32.12 -12.17
C ARG A 310 22.89 31.83 -12.07
N ALA A 311 23.59 32.68 -11.33
CA ALA A 311 25.02 32.49 -11.18
C ALA A 311 25.33 31.21 -10.40
N TYR A 312 24.36 30.71 -9.65
CA TYR A 312 24.61 29.51 -8.86
C TYR A 312 23.91 28.26 -9.35
N GLU A 313 23.70 28.14 -10.66
CA GLU A 313 23.02 26.96 -11.18
C GLU A 313 23.95 25.74 -11.19
N GLY A 314 25.23 25.98 -11.46
CA GLY A 314 26.18 24.87 -11.49
C GLY A 314 26.84 24.59 -10.15
N THR A 315 26.24 25.04 -9.06
CA THR A 315 26.78 24.81 -7.72
C THR A 315 25.75 24.06 -6.88
N THR A 316 26.21 23.47 -5.78
CA THR A 316 25.32 22.73 -4.89
C THR A 316 24.41 23.69 -4.14
N PHE A 317 23.23 23.21 -3.80
CA PHE A 317 22.26 24.01 -3.05
C PHE A 317 22.89 24.45 -1.72
N SER A 318 23.62 23.55 -1.07
CA SER A 318 24.24 23.87 0.21
C SER A 318 25.17 25.07 0.09
N GLU A 319 25.93 25.12 -1.01
CA GLU A 319 26.87 26.20 -1.28
C GLU A 319 26.09 27.51 -1.52
N TYR A 320 25.03 27.42 -2.32
CA TYR A 320 24.18 28.56 -2.64
C TYR A 320 23.66 29.26 -1.39
N LEU A 321 23.06 28.49 -0.49
CA LEU A 321 22.49 29.01 0.75
C LEU A 321 23.51 29.80 1.55
N LYS A 322 24.78 29.46 1.41
CA LYS A 322 25.84 30.14 2.12
C LYS A 322 26.04 31.58 1.61
N THR A 323 25.54 31.86 0.43
CA THR A 323 25.68 33.19 -0.17
C THR A 323 24.39 34.00 -0.04
N GLN A 324 23.49 33.52 0.81
CA GLN A 324 22.20 34.18 1.00
C GLN A 324 22.07 34.87 2.35
N LYS A 325 21.00 35.65 2.49
CA LYS A 325 20.74 36.39 3.70
C LYS A 325 20.09 35.46 4.72
N LEU A 326 20.89 34.52 5.24
CA LEU A 326 20.43 33.53 6.20
C LEU A 326 21.60 33.13 7.10
N THR A 327 21.34 32.94 8.37
CA THR A 327 22.39 32.50 9.29
C THR A 327 22.69 31.02 8.99
N PRO A 328 23.83 30.50 9.46
CA PRO A 328 24.12 29.08 9.20
C PRO A 328 23.06 28.19 9.85
N ASN A 329 22.57 28.61 11.00
CA ASN A 329 21.54 27.86 11.68
C ASN A 329 20.34 27.74 10.75
N LEU A 330 19.93 28.86 10.15
CA LEU A 330 18.80 28.86 9.23
C LEU A 330 19.08 28.03 7.98
N GLN A 331 20.30 28.12 7.46
CA GLN A 331 20.70 27.38 6.26
C GLN A 331 20.58 25.88 6.47
N TYR A 332 20.98 25.44 7.66
CA TYR A 332 20.91 24.05 8.03
C TYR A 332 19.45 23.58 7.93
N PHE A 333 18.53 24.29 8.58
CA PHE A 333 17.09 23.95 8.55
C PHE A 333 16.52 23.86 7.15
N VAL A 334 16.86 24.83 6.31
CA VAL A 334 16.40 24.86 4.94
C VAL A 334 16.89 23.60 4.22
N LEU A 335 18.19 23.39 4.29
CA LEU A 335 18.83 22.25 3.65
C LEU A 335 18.34 20.87 4.13
N HIS A 336 18.36 20.66 5.44
CA HIS A 336 17.98 19.37 6.01
C HIS A 336 16.52 19.11 6.39
N SER A 337 15.79 20.11 6.86
CA SER A 337 14.38 19.91 7.24
C SER A 337 13.32 20.26 6.19
N ILE A 338 13.62 21.20 5.30
CA ILE A 338 12.67 21.61 4.29
C ILE A 338 12.95 21.00 2.91
N ALA A 339 14.10 21.30 2.32
CA ALA A 339 14.42 20.77 1.00
C ALA A 339 14.71 19.27 1.05
N MET A 340 15.48 18.85 2.04
CA MET A 340 15.84 17.44 2.18
C MET A 340 16.43 16.97 0.84
N GLU A 343 22.12 13.80 -2.45
CA GLU A 343 22.19 14.01 -1.00
C GLU A 343 22.71 15.42 -0.61
N THR A 344 24.03 15.62 -0.71
CA THR A 344 24.60 16.92 -0.35
C THR A 344 25.11 17.68 -1.57
N THR A 345 25.20 16.98 -2.71
CA THR A 345 25.68 17.60 -3.93
C THR A 345 24.56 18.08 -4.87
N SER A 346 23.30 17.90 -4.47
CA SER A 346 22.17 18.35 -5.30
C SER A 346 22.34 19.80 -5.71
N CYS A 347 22.06 20.09 -6.97
CA CYS A 347 22.21 21.43 -7.51
C CYS A 347 21.22 22.43 -6.93
N THR A 348 21.63 23.69 -6.98
CA THR A 348 20.84 24.79 -6.46
C THR A 348 19.39 24.72 -6.90
N VAL A 349 19.14 24.55 -8.19
CA VAL A 349 17.76 24.47 -8.67
C VAL A 349 16.99 23.30 -8.07
N ASP A 350 17.67 22.16 -7.88
CA ASP A 350 16.98 21.01 -7.28
C ASP A 350 16.49 21.38 -5.89
N GLY A 351 17.32 22.12 -5.15
CA GLY A 351 16.96 22.54 -3.81
C GLY A 351 15.81 23.53 -3.79
N LEU A 352 15.77 24.42 -4.80
CA LEU A 352 14.72 25.43 -4.86
C LEU A 352 13.37 24.80 -5.19
N LYS A 353 13.41 23.86 -6.12
CA LYS A 353 12.20 23.18 -6.51
C LYS A 353 11.64 22.44 -5.26
N ALA A 354 12.54 21.76 -4.54
CA ALA A 354 12.18 21.00 -3.35
C ALA A 354 11.59 21.93 -2.28
N THR A 355 12.29 23.03 -2.02
CA THR A 355 11.84 24.00 -1.03
C THR A 355 10.46 24.55 -1.39
N LYS A 356 10.27 24.89 -2.65
CA LYS A 356 8.99 25.42 -3.06
C LYS A 356 7.88 24.37 -2.89
N LYS A 357 8.14 23.15 -3.33
CA LYS A 357 7.15 22.06 -3.22
C LYS A 357 6.68 21.88 -1.76
N PHE A 358 7.63 21.90 -0.83
CA PHE A 358 7.36 21.74 0.60
C PHE A 358 6.41 22.84 1.09
N LEU A 359 6.77 24.09 0.81
CA LEU A 359 5.99 25.26 1.20
C LEU A 359 4.59 25.19 0.61
N GLN A 360 4.49 24.82 -0.67
CA GLN A 360 3.19 24.72 -1.34
C GLN A 360 2.23 23.67 -0.75
N CYS A 361 2.80 22.58 -0.23
CA CYS A 361 2.01 21.51 0.37
C CYS A 361 1.46 21.89 1.74
N LEU A 362 2.12 22.83 2.41
CA LEU A 362 1.71 23.23 3.74
C LEU A 362 0.24 23.60 3.83
N GLY A 363 -0.40 23.09 4.87
CA GLY A 363 -1.80 23.39 5.11
C GLY A 363 -2.87 22.83 4.19
N ARG A 364 -2.54 21.94 3.26
CA ARG A 364 -3.62 21.44 2.40
C ARG A 364 -4.53 20.52 3.21
N TYR A 365 -3.95 19.66 4.06
CA TYR A 365 -4.73 18.75 4.93
C TYR A 365 -4.36 18.89 6.41
N GLY A 366 -3.15 19.38 6.67
CA GLY A 366 -2.68 19.57 8.03
C GLY A 366 -1.58 20.61 8.03
N ASN A 367 -0.93 20.83 9.16
CA ASN A 367 0.15 21.81 9.23
C ASN A 367 1.43 21.45 8.46
N THR A 368 1.68 20.17 8.20
CA THR A 368 2.89 19.82 7.47
C THR A 368 2.50 19.44 6.03
N PRO A 369 3.49 19.09 5.20
CA PRO A 369 3.12 18.73 3.83
C PRO A 369 2.77 17.25 3.62
N PHE A 370 2.82 16.46 4.68
CA PHE A 370 2.62 15.01 4.47
C PHE A 370 1.44 14.30 5.16
N LEU A 371 1.05 13.24 4.47
CA LEU A 371 0.00 12.33 4.93
C LEU A 371 0.57 10.93 4.88
N PHE A 372 -0.07 10.03 5.61
CA PHE A 372 0.37 8.66 5.68
C PHE A 372 -0.89 7.82 5.65
N PRO A 373 -0.91 6.80 4.80
CA PRO A 373 -2.09 5.94 4.71
C PRO A 373 -2.35 5.04 5.90
N LEU A 374 -3.60 5.02 6.36
CA LEU A 374 -4.02 4.19 7.49
C LEU A 374 -3.73 2.73 7.09
N TYR A 375 -3.09 1.98 8.00
CA TYR A 375 -2.70 0.59 7.80
C TYR A 375 -1.38 0.46 7.07
N GLY A 376 -0.84 1.59 6.62
CA GLY A 376 0.45 1.60 5.96
C GLY A 376 0.49 1.74 4.45
N GLN A 377 1.69 2.01 3.94
CA GLN A 377 1.95 2.16 2.52
C GLN A 377 1.54 0.91 1.76
N GLY A 378 1.62 -0.24 2.44
CA GLY A 378 1.25 -1.51 1.81
C GLY A 378 -0.16 -1.56 1.22
N GLU A 379 -1.04 -0.63 1.65
CA GLU A 379 -2.40 -0.60 1.13
C GLU A 379 -2.49 -0.05 -0.31
N LEU A 380 -1.60 0.87 -0.69
CA LEU A 380 -1.69 1.51 -2.00
C LEU A 380 -1.70 0.62 -3.25
N PRO A 381 -0.78 -0.35 -3.35
CA PRO A 381 -0.77 -1.22 -4.52
C PRO A 381 -2.13 -1.94 -4.62
N GLN A 382 -2.67 -2.39 -3.48
CA GLN A 382 -3.94 -3.08 -3.49
C GLN A 382 -5.08 -2.16 -3.95
N CYS A 383 -4.93 -0.87 -3.70
CA CYS A 383 -5.96 0.10 -4.10
C CYS A 383 -6.00 0.17 -5.61
N PHE A 384 -4.84 0.18 -6.25
CA PHE A 384 -4.87 0.26 -7.70
C PHE A 384 -5.26 -1.09 -8.33
N CYS A 385 -4.89 -2.20 -7.69
CA CYS A 385 -5.27 -3.52 -8.20
C CYS A 385 -6.79 -3.65 -8.17
N ARG A 386 -7.44 -3.03 -7.18
CA ARG A 386 -8.89 -3.13 -7.12
C ARG A 386 -9.48 -2.42 -8.33
N MET A 387 -8.94 -1.25 -8.67
CA MET A 387 -9.48 -0.57 -9.84
C MET A 387 -9.31 -1.50 -11.06
N CYS A 388 -8.15 -2.13 -11.16
CA CYS A 388 -7.91 -3.05 -12.26
C CYS A 388 -8.99 -4.15 -12.27
N ALA A 389 -9.19 -4.76 -11.11
CA ALA A 389 -10.21 -5.80 -10.96
C ALA A 389 -11.59 -5.26 -11.31
N VAL A 390 -11.95 -4.09 -10.80
CA VAL A 390 -13.29 -3.55 -11.07
C VAL A 390 -13.61 -3.46 -12.58
N PHE A 391 -12.60 -3.16 -13.40
CA PHE A 391 -12.83 -3.06 -14.83
C PHE A 391 -12.53 -4.36 -15.59
N GLY A 392 -12.62 -5.48 -14.88
CA GLY A 392 -12.43 -6.76 -15.54
C GLY A 392 -11.07 -7.41 -15.50
N GLY A 393 -10.09 -6.78 -14.87
CA GLY A 393 -8.79 -7.40 -14.78
C GLY A 393 -8.92 -8.72 -14.02
N ILE A 394 -8.14 -9.73 -14.41
CA ILE A 394 -8.18 -11.02 -13.72
C ILE A 394 -6.93 -11.18 -12.83
N TYR A 395 -7.18 -11.58 -11.58
CA TYR A 395 -6.14 -11.71 -10.56
C TYR A 395 -5.77 -13.13 -10.10
N CYS A 396 -4.45 -13.47 -10.12
CA CYS A 396 -3.98 -14.77 -9.63
C CYS A 396 -2.77 -14.64 -8.73
N LEU A 397 -2.97 -14.71 -7.42
CA LEU A 397 -1.81 -14.68 -6.54
C LEU A 397 -1.27 -16.13 -6.58
N ARG A 398 -0.14 -16.37 -5.92
CA ARG A 398 0.42 -17.72 -5.87
C ARG A 398 0.47 -18.34 -7.28
N HIS A 399 0.85 -17.53 -8.26
CA HIS A 399 0.88 -17.97 -9.65
C HIS A 399 2.06 -17.36 -10.37
N SER A 400 3.12 -18.13 -10.53
CA SER A 400 4.30 -17.61 -11.21
C SER A 400 4.30 -17.94 -12.68
N VAL A 401 5.24 -17.34 -13.38
CA VAL A 401 5.40 -17.53 -14.81
C VAL A 401 6.79 -18.12 -15.00
N GLN A 402 6.87 -19.17 -15.83
CA GLN A 402 8.13 -19.84 -16.06
C GLN A 402 9.02 -19.17 -17.12
N CYS A 403 8.42 -18.79 -18.23
CA CYS A 403 9.17 -18.16 -19.30
C CYS A 403 8.29 -17.37 -20.26
N LEU A 404 8.96 -16.56 -21.06
CA LEU A 404 8.33 -15.76 -22.10
C LEU A 404 8.57 -16.54 -23.39
N VAL A 405 7.62 -16.48 -24.31
CA VAL A 405 7.74 -17.15 -25.60
C VAL A 405 7.93 -16.05 -26.64
N VAL A 406 9.08 -16.08 -27.30
CA VAL A 406 9.40 -15.06 -28.29
C VAL A 406 9.46 -15.61 -29.69
N ASP A 407 8.79 -14.92 -30.60
CA ASP A 407 8.79 -15.30 -32.02
C ASP A 407 10.25 -15.11 -32.43
N LYS A 408 10.89 -16.17 -32.91
CA LYS A 408 12.28 -16.06 -33.28
C LYS A 408 12.43 -15.07 -34.43
N GLU A 409 11.43 -15.02 -35.30
CA GLU A 409 11.47 -14.12 -36.45
C GLU A 409 11.18 -12.66 -36.08
N SER A 410 9.91 -12.34 -35.75
CA SER A 410 9.54 -10.97 -35.41
C SER A 410 10.26 -10.44 -34.18
N ARG A 411 10.71 -11.33 -33.28
CA ARG A 411 11.44 -10.91 -32.08
C ARG A 411 10.52 -10.40 -30.97
N LYS A 412 9.23 -10.42 -31.24
CA LYS A 412 8.25 -9.95 -30.28
C LYS A 412 7.81 -11.04 -29.36
N CYS A 413 7.51 -10.68 -28.11
CA CYS A 413 7.07 -11.69 -27.18
C CYS A 413 5.65 -12.06 -27.58
N LYS A 414 5.37 -13.36 -27.66
CA LYS A 414 4.04 -13.84 -28.07
C LYS A 414 3.17 -14.30 -26.90
N ALA A 415 3.81 -14.87 -25.90
CA ALA A 415 3.04 -15.41 -24.79
C ALA A 415 3.96 -15.73 -23.64
N VAL A 416 3.36 -16.22 -22.57
CA VAL A 416 4.06 -16.71 -21.41
C VAL A 416 3.64 -18.15 -21.21
N ILE A 417 4.44 -18.89 -20.48
CA ILE A 417 4.11 -20.27 -20.07
C ILE A 417 4.16 -20.19 -18.56
N ASP A 418 3.01 -20.40 -17.90
CA ASP A 418 3.03 -20.29 -16.43
C ASP A 418 3.52 -21.54 -15.74
N GLN A 419 3.55 -21.53 -14.41
CA GLN A 419 4.06 -22.65 -13.60
C GLN A 419 3.29 -23.95 -13.75
N PHE A 420 2.12 -23.89 -14.38
CA PHE A 420 1.31 -25.09 -14.60
C PHE A 420 1.39 -25.51 -16.05
N GLY A 421 2.33 -24.92 -16.79
CA GLY A 421 2.49 -25.27 -18.18
C GLY A 421 1.44 -24.70 -19.10
N GLN A 422 0.65 -23.75 -18.64
CA GLN A 422 -0.35 -23.15 -19.52
C GLN A 422 0.31 -22.03 -20.33
N ARG A 423 0.05 -22.05 -21.63
CA ARG A 423 0.58 -21.05 -22.53
C ARG A 423 -0.48 -19.97 -22.68
N ILE A 424 -0.13 -18.75 -22.30
CA ILE A 424 -1.08 -17.67 -22.37
C ILE A 424 -0.58 -16.57 -23.27
N ILE A 425 -1.45 -16.21 -24.21
CA ILE A 425 -1.16 -15.18 -25.21
C ILE A 425 -1.47 -13.76 -24.73
N SER A 426 -0.67 -12.79 -25.19
CA SER A 426 -0.88 -11.38 -24.87
C SER A 426 -0.20 -10.47 -25.89
N LYS A 427 -0.59 -9.20 -25.93
CA LYS A 427 0.03 -8.24 -26.85
C LYS A 427 1.12 -7.52 -26.13
N HIS A 428 0.93 -7.29 -24.84
CA HIS A 428 1.91 -6.57 -24.01
C HIS A 428 2.21 -7.33 -22.73
N PHE A 429 3.45 -7.21 -22.28
CA PHE A 429 3.88 -7.93 -21.08
C PHE A 429 4.66 -6.98 -20.20
N ILE A 430 4.10 -6.69 -19.02
CA ILE A 430 4.76 -5.80 -18.07
C ILE A 430 5.36 -6.66 -16.95
N ILE A 431 6.68 -6.55 -16.76
CA ILE A 431 7.39 -7.37 -15.77
C ILE A 431 8.23 -6.53 -14.78
N GLU A 432 8.02 -6.78 -13.51
CA GLU A 432 8.77 -6.08 -12.51
C GLU A 432 10.17 -6.71 -12.51
N ASP A 433 11.18 -5.87 -12.42
CA ASP A 433 12.58 -6.28 -12.46
C ASP A 433 13.01 -7.56 -11.70
N SER A 434 12.48 -7.77 -10.50
CA SER A 434 12.85 -8.92 -9.68
C SER A 434 12.47 -10.29 -10.30
N TYR A 435 11.57 -10.28 -11.28
CA TYR A 435 11.16 -11.51 -11.95
C TYR A 435 12.01 -11.82 -13.18
N LEU A 436 12.91 -10.91 -13.56
CA LEU A 436 13.77 -11.20 -14.70
C LEU A 436 14.96 -12.05 -14.22
N SER A 437 15.41 -12.97 -15.07
CA SER A 437 16.53 -13.87 -14.73
C SER A 437 17.86 -13.15 -14.56
N GLU A 438 18.81 -13.80 -13.88
CA GLU A 438 20.12 -13.21 -13.68
C GLU A 438 20.79 -13.04 -15.04
N ASN A 439 20.46 -13.91 -15.98
CA ASN A 439 21.05 -13.78 -17.29
C ASN A 439 20.51 -12.52 -17.97
N THR A 440 19.20 -12.32 -17.95
CA THR A 440 18.63 -11.13 -18.58
C THR A 440 19.20 -9.87 -17.93
N CYS A 441 19.52 -9.98 -16.64
CA CYS A 441 20.04 -8.81 -15.91
C CYS A 441 21.55 -8.79 -15.66
N SER A 442 22.32 -9.63 -16.37
CA SER A 442 23.77 -9.72 -16.12
C SER A 442 24.60 -8.43 -16.17
N ARG A 443 24.14 -7.43 -16.92
CA ARG A 443 24.88 -6.19 -17.03
C ARG A 443 24.34 -5.06 -16.16
N VAL A 444 23.18 -5.27 -15.56
CA VAL A 444 22.58 -4.21 -14.76
C VAL A 444 23.34 -3.90 -13.47
N GLN A 445 23.50 -2.61 -13.18
CA GLN A 445 24.15 -2.19 -11.95
C GLN A 445 23.04 -1.57 -11.07
N TYR A 446 22.72 -2.27 -10.00
CA TYR A 446 21.66 -1.83 -9.09
C TYR A 446 22.25 -0.98 -8.01
N ARG A 447 21.38 -0.27 -7.32
CA ARG A 447 21.78 0.51 -6.17
C ARG A 447 21.13 -0.25 -5.05
N GLN A 448 21.35 0.19 -3.82
CA GLN A 448 20.76 -0.46 -2.68
C GLN A 448 20.18 0.55 -1.72
N ILE A 449 19.15 0.14 -1.00
CA ILE A 449 18.47 0.96 -0.02
C ILE A 449 18.66 0.33 1.35
N SER A 450 19.08 1.09 2.36
CA SER A 450 19.23 0.54 3.69
C SER A 450 17.97 0.82 4.47
N ARG A 451 17.42 -0.21 5.08
CA ARG A 451 16.18 -0.07 5.82
C ARG A 451 16.27 -0.65 7.22
N ALA A 452 15.51 -0.07 8.14
CA ALA A 452 15.44 -0.61 9.49
C ALA A 452 13.99 -0.40 9.94
N VAL A 453 13.48 -1.35 10.69
CA VAL A 453 12.13 -1.31 11.25
C VAL A 453 12.26 -1.55 12.74
N LEU A 454 11.77 -0.61 13.55
CA LEU A 454 11.86 -0.71 15.00
C LEU A 454 10.50 -0.71 15.66
N ILE A 455 10.35 -1.52 16.68
CA ILE A 455 9.18 -1.54 17.53
C ILE A 455 9.70 -0.89 18.81
N THR A 456 9.13 0.25 19.20
CA THR A 456 9.60 0.99 20.38
C THR A 456 8.46 1.21 21.37
N ASP A 457 8.79 1.65 22.59
CA ASP A 457 7.74 1.86 23.58
C ASP A 457 7.50 3.33 23.97
N GLY A 458 8.05 4.26 23.20
CA GLY A 458 7.85 5.66 23.49
C GLY A 458 8.33 6.51 22.33
N SER A 459 7.82 7.72 22.21
CA SER A 459 8.20 8.61 21.13
C SER A 459 9.61 9.18 21.24
N VAL A 460 10.20 9.56 20.11
CA VAL A 460 11.53 10.16 20.16
C VAL A 460 11.44 11.56 20.74
N LEU A 461 10.23 12.13 20.73
CA LEU A 461 10.00 13.45 21.32
C LEU A 461 8.72 13.34 22.12
N ARG A 462 8.89 13.14 23.42
CA ARG A 462 7.76 12.96 24.32
C ARG A 462 6.94 14.21 24.52
N THR A 463 5.63 14.02 24.55
CA THR A 463 4.69 15.11 24.77
C THR A 463 3.43 14.57 25.45
N ASP A 464 2.53 15.48 25.80
CA ASP A 464 1.27 15.13 26.43
C ASP A 464 0.52 14.25 25.43
N ALA A 465 0.26 14.83 24.25
CA ALA A 465 -0.43 14.16 23.14
C ALA A 465 0.56 13.14 22.55
N ASP A 466 0.25 11.86 22.70
CA ASP A 466 1.12 10.79 22.24
C ASP A 466 0.94 10.35 20.76
N GLN A 467 -0.28 10.42 20.25
CA GLN A 467 -0.57 10.03 18.87
C GLN A 467 -0.02 11.02 17.84
N GLN A 468 1.29 11.17 17.80
CA GLN A 468 1.94 12.06 16.84
C GLN A 468 2.57 11.19 15.75
N VAL A 469 2.54 11.66 14.55
CA VAL A 469 3.15 11.01 13.45
C VAL A 469 4.25 11.96 13.01
N SER A 470 5.51 11.56 13.09
CA SER A 470 6.60 12.47 12.80
C SER A 470 7.68 11.99 11.83
N ILE A 471 8.38 12.96 11.26
CA ILE A 471 9.50 12.65 10.39
C ILE A 471 10.69 13.44 10.95
N LEU A 472 11.76 12.71 11.23
CA LEU A 472 12.97 13.26 11.77
C LEU A 472 14.06 13.01 10.74
N THR A 473 14.82 14.04 10.42
CA THR A 473 15.91 13.87 9.46
C THR A 473 17.23 13.80 10.24
N VAL A 474 18.13 12.92 9.82
CA VAL A 474 19.41 12.78 10.50
C VAL A 474 20.49 12.89 9.45
N PRO A 475 21.11 14.08 9.34
CA PRO A 475 22.16 14.30 8.36
C PRO A 475 23.33 13.37 8.61
N ALA A 476 24.09 13.07 7.57
CA ALA A 476 25.25 12.20 7.72
C ALA A 476 26.24 12.81 8.73
N GLU A 477 26.86 12.01 9.58
CA GLU A 477 27.82 12.60 10.52
C GLU A 477 29.07 13.00 9.76
N GLU A 478 29.55 12.08 8.92
CA GLU A 478 30.75 12.33 8.14
C GLU A 478 30.54 12.11 6.65
N PRO A 479 31.27 12.86 5.79
CA PRO A 479 31.08 12.63 4.35
C PRO A 479 31.36 11.20 3.96
N GLY A 480 30.68 10.73 2.93
CA GLY A 480 30.88 9.34 2.54
C GLY A 480 29.60 8.56 2.78
N SER A 481 28.79 8.99 3.75
CA SER A 481 27.52 8.31 3.99
C SER A 481 26.36 9.22 3.63
N PHE A 482 25.16 8.63 3.53
CA PHE A 482 24.00 9.41 3.15
C PHE A 482 23.14 9.82 4.32
N ALA A 483 22.30 10.82 4.07
CA ALA A 483 21.40 11.33 5.09
C ALA A 483 20.36 10.26 5.44
N VAL A 484 19.93 10.23 6.70
CA VAL A 484 18.99 9.23 7.15
C VAL A 484 17.60 9.77 7.47
N ARG A 485 16.56 9.07 7.02
CA ARG A 485 15.18 9.51 7.33
C ARG A 485 14.60 8.59 8.38
N VAL A 486 13.89 9.18 9.34
CA VAL A 486 13.27 8.41 10.42
C VAL A 486 11.81 8.83 10.51
N ILE A 487 10.93 7.87 10.26
CA ILE A 487 9.50 8.12 10.32
C ILE A 487 8.93 7.33 11.49
N GLU A 488 8.26 8.05 12.39
CA GLU A 488 7.67 7.50 13.59
C GLU A 488 6.15 7.43 13.47
N LEU A 489 5.62 6.23 13.51
CA LEU A 489 4.21 5.99 13.37
C LEU A 489 3.64 5.59 14.72
N CYS A 490 2.54 6.24 15.08
CA CYS A 490 1.86 5.97 16.34
C CYS A 490 0.80 4.92 16.08
N SER A 491 0.28 4.34 17.14
CA SER A 491 -0.72 3.28 17.00
C SER A 491 -2.00 3.71 16.29
N SER A 492 -2.31 5.00 16.27
CA SER A 492 -3.52 5.41 15.55
C SER A 492 -3.31 5.29 14.02
N THR A 493 -2.10 5.03 13.55
CA THR A 493 -1.92 4.86 12.11
C THR A 493 -2.32 3.42 11.76
N MET A 494 -2.69 2.64 12.78
CA MET A 494 -3.06 1.23 12.60
C MET A 494 -1.93 0.34 12.06
N THR A 495 -0.69 0.67 12.40
CA THR A 495 0.45 -0.13 11.97
C THR A 495 1.20 -0.80 13.11
N CYS A 496 0.83 -0.49 14.35
CA CYS A 496 1.46 -1.08 15.53
C CYS A 496 0.47 -1.14 16.70
N MET A 497 0.71 -2.01 17.68
CA MET A 497 -0.18 -2.17 18.82
C MET A 497 -0.11 -1.01 19.79
N LYS A 498 -1.21 -0.81 20.53
CA LYS A 498 -1.27 0.25 21.55
C LYS A 498 -0.07 0.06 22.50
N GLY A 499 0.59 1.14 22.90
CA GLY A 499 1.74 1.00 23.78
C GLY A 499 3.04 1.04 23.00
N THR A 500 2.97 0.89 21.68
CA THR A 500 4.21 0.95 20.91
C THR A 500 4.15 1.96 19.78
N TYR A 501 5.30 2.17 19.15
CA TYR A 501 5.44 3.00 17.99
C TYR A 501 6.24 2.13 17.03
N LEU A 502 6.03 2.36 15.75
CA LEU A 502 6.75 1.66 14.73
C LEU A 502 7.68 2.65 14.11
N VAL A 503 8.97 2.39 14.12
CA VAL A 503 9.89 3.37 13.60
C VAL A 503 10.62 2.86 12.39
N HIS A 504 10.52 3.63 11.31
CA HIS A 504 11.19 3.28 10.06
C HIS A 504 12.37 4.21 9.78
N LEU A 505 13.52 3.60 9.50
CA LEU A 505 14.72 4.34 9.14
C LEU A 505 15.11 3.93 7.70
N THR A 506 15.54 4.91 6.91
CA THR A 506 15.88 4.68 5.52
C THR A 506 17.03 5.57 5.02
N CYS A 507 17.88 5.01 4.17
CA CYS A 507 18.93 5.78 3.55
C CYS A 507 19.52 5.03 2.36
N MET A 508 20.01 5.78 1.38
CA MET A 508 20.71 5.17 0.27
C MET A 508 21.84 4.39 0.94
N SER A 509 22.14 3.18 0.51
CA SER A 509 23.18 2.41 1.21
C SER A 509 24.64 2.78 0.98
N SER A 510 25.46 2.62 1.99
CA SER A 510 26.90 2.80 1.92
C SER A 510 27.45 1.40 2.12
N LYS A 511 27.09 0.78 3.24
CA LYS A 511 27.47 -0.58 3.55
C LYS A 511 26.21 -1.40 3.81
N THR A 512 26.22 -2.30 4.78
CA THR A 512 25.01 -3.08 5.14
C THR A 512 24.05 -2.11 5.82
N ALA A 513 22.78 -2.46 5.84
CA ALA A 513 21.77 -1.61 6.47
C ALA A 513 22.07 -1.42 7.96
N ARG A 514 22.46 -2.47 8.67
CA ARG A 514 22.73 -2.27 10.11
C ARG A 514 23.94 -1.35 10.24
N GLU A 515 24.96 -1.57 9.42
CA GLU A 515 26.13 -0.70 9.50
C GLU A 515 25.75 0.75 9.20
N ASP A 516 24.86 0.98 8.23
CA ASP A 516 24.47 2.34 7.94
C ASP A 516 23.51 2.94 8.95
N LEU A 517 22.81 2.09 9.70
CA LEU A 517 21.72 2.62 10.54
C LEU A 517 21.78 2.41 12.07
N GLU A 518 22.52 1.41 12.55
CA GLU A 518 22.57 1.11 13.98
C GLU A 518 23.01 2.30 14.84
N ARG A 519 23.96 3.09 14.35
CA ARG A 519 24.43 4.28 15.06
C ARG A 519 23.27 5.22 15.34
N VAL A 520 22.41 5.44 14.34
CA VAL A 520 21.28 6.32 14.57
C VAL A 520 20.35 5.69 15.61
N VAL A 521 20.13 4.38 15.50
CA VAL A 521 19.27 3.72 16.45
C VAL A 521 19.85 3.85 17.87
N GLN A 522 21.17 3.69 17.98
CA GLN A 522 21.84 3.79 19.29
C GLN A 522 21.66 5.10 19.98
N LYS A 523 21.53 6.19 19.23
CA LYS A 523 21.38 7.48 19.89
C LYS A 523 19.95 7.90 20.19
N LEU A 524 18.98 7.16 19.69
CA LEU A 524 17.61 7.52 19.93
C LEU A 524 16.96 6.58 20.98
N PHE A 525 17.41 5.33 21.04
CA PHE A 525 16.80 4.37 21.95
C PHE A 525 17.76 3.56 22.82
N THR A 526 17.22 3.00 23.90
CA THR A 526 18.01 2.15 24.77
C THR A 526 17.43 0.73 24.61
N PRO A 527 18.31 -0.26 24.57
CA PRO A 527 17.83 -1.64 24.41
C PRO A 527 17.53 -2.31 25.77
N TYR A 528 17.66 -1.55 26.86
CA TYR A 528 17.45 -2.09 28.20
C TYR A 528 16.15 -1.68 28.87
N THR A 529 15.73 -2.48 29.85
CA THR A 529 14.55 -2.17 30.64
C THR A 529 14.92 -1.16 31.73
N GLU A 530 16.09 -1.33 32.36
CA GLU A 530 16.57 -0.44 33.44
C GLU A 530 17.40 0.73 32.90
N ILE A 531 17.18 1.92 33.45
CA ILE A 531 17.90 3.13 33.06
C ILE A 531 19.42 2.92 33.03
N GLU A 539 15.00 8.70 29.85
CA GLU A 539 14.96 9.65 28.75
C GLU A 539 14.72 8.91 27.42
N LYS A 540 15.66 8.07 27.02
CA LYS A 540 15.53 7.33 25.76
C LYS A 540 14.41 6.29 25.77
N PRO A 541 13.60 6.25 24.71
CA PRO A 541 12.54 5.24 24.69
C PRO A 541 13.24 3.91 24.50
N ARG A 542 12.57 2.84 24.88
CA ARG A 542 13.14 1.53 24.78
C ARG A 542 12.89 0.86 23.43
N LEU A 543 13.97 0.34 22.85
CA LEU A 543 13.91 -0.37 21.59
C LEU A 543 13.54 -1.80 21.97
N LEU A 544 12.40 -2.29 21.47
CA LEU A 544 11.95 -3.65 21.79
C LEU A 544 12.32 -4.67 20.74
N TRP A 545 12.24 -4.27 19.47
CA TRP A 545 12.54 -5.18 18.37
C TRP A 545 13.14 -4.42 17.18
N ALA A 546 14.12 -5.01 16.52
CA ALA A 546 14.76 -4.34 15.40
C ALA A 546 15.07 -5.24 14.21
N LEU A 547 14.77 -4.73 13.03
CA LEU A 547 15.03 -5.45 11.79
C LEU A 547 15.82 -4.53 10.87
N TYR A 548 16.89 -5.05 10.28
CA TYR A 548 17.72 -4.33 9.33
C TYR A 548 17.81 -5.16 8.06
N PHE A 549 17.75 -4.49 6.91
CA PHE A 549 17.87 -5.16 5.62
C PHE A 549 18.16 -4.18 4.49
N ASN A 550 18.76 -4.68 3.42
CA ASN A 550 19.04 -3.86 2.26
C ASN A 550 18.09 -4.34 1.18
N MET A 551 17.49 -3.41 0.47
CA MET A 551 16.57 -3.76 -0.61
C MET A 551 17.16 -3.24 -1.92
N ARG A 552 17.12 -4.08 -2.94
CA ARG A 552 17.62 -3.70 -4.24
C ARG A 552 16.84 -2.46 -4.71
N ASP A 553 17.56 -1.47 -5.23
CA ASP A 553 16.94 -0.27 -5.81
C ASP A 553 17.14 -0.40 -7.34
N SER A 554 16.07 -0.71 -8.06
CA SER A 554 16.18 -0.84 -9.51
C SER A 554 15.53 0.30 -10.28
N SER A 555 15.32 1.43 -9.63
CA SER A 555 14.72 2.60 -10.28
C SER A 555 15.73 3.28 -11.18
N ASP A 556 15.22 4.02 -12.17
CA ASP A 556 16.05 4.74 -13.13
C ASP A 556 17.01 3.86 -13.92
N ILE A 557 16.59 2.66 -14.28
CA ILE A 557 17.46 1.83 -15.07
C ILE A 557 16.86 1.80 -16.47
N SER A 558 17.72 2.08 -17.47
CA SER A 558 17.29 2.11 -18.86
C SER A 558 17.14 0.69 -19.42
N ARG A 559 16.12 0.53 -20.25
CA ARG A 559 15.83 -0.73 -20.92
C ARG A 559 17.08 -1.37 -21.50
N ASP A 560 17.94 -0.56 -22.12
CA ASP A 560 19.18 -1.03 -22.73
C ASP A 560 20.13 -1.76 -21.81
N CYS A 561 19.95 -1.58 -20.51
CA CYS A 561 20.80 -2.25 -19.55
C CYS A 561 20.46 -3.72 -19.47
N TYR A 562 19.22 -4.08 -19.80
CA TYR A 562 18.78 -5.48 -19.79
C TYR A 562 19.09 -6.13 -21.13
N ASN A 563 19.31 -7.44 -21.13
CA ASN A 563 19.62 -8.14 -22.37
C ASN A 563 18.42 -8.70 -23.12
N ASP A 564 18.46 -8.51 -24.43
CA ASP A 564 17.46 -9.03 -25.37
C ASP A 564 16.01 -8.90 -24.99
N LEU A 565 15.62 -7.72 -24.54
CA LEU A 565 14.25 -7.52 -24.16
C LEU A 565 13.38 -7.32 -25.40
N PRO A 566 12.29 -8.08 -25.54
CA PRO A 566 11.42 -7.88 -26.72
C PRO A 566 10.83 -6.46 -26.55
N SER A 567 10.51 -5.78 -27.66
CA SER A 567 9.97 -4.41 -27.58
C SER A 567 8.59 -4.34 -26.92
N ASN A 568 7.89 -5.46 -26.82
CA ASN A 568 6.58 -5.40 -26.19
C ASN A 568 6.64 -6.02 -24.77
N VAL A 569 7.85 -5.97 -24.19
CA VAL A 569 8.04 -6.40 -22.82
C VAL A 569 8.51 -5.11 -22.12
N TYR A 570 7.74 -4.67 -21.12
CA TYR A 570 8.05 -3.44 -20.40
C TYR A 570 8.48 -3.80 -18.98
N VAL A 571 9.51 -3.13 -18.49
CA VAL A 571 10.06 -3.40 -17.16
C VAL A 571 9.74 -2.34 -16.12
N CYS A 572 9.16 -2.76 -14.99
CA CYS A 572 8.86 -1.87 -13.88
C CYS A 572 9.97 -2.06 -12.85
N SER A 573 10.29 -1.02 -12.11
CA SER A 573 11.34 -1.13 -11.09
C SER A 573 10.65 -1.46 -9.78
N GLY A 574 11.45 -1.58 -8.72
CA GLY A 574 10.90 -1.81 -7.41
C GLY A 574 10.92 -0.45 -6.74
N PRO A 575 10.80 -0.41 -5.42
CA PRO A 575 10.81 0.84 -4.68
C PRO A 575 12.07 1.65 -4.93
N ASP A 576 11.94 2.96 -4.99
CA ASP A 576 13.08 3.85 -5.14
C ASP A 576 13.34 4.41 -3.71
N SER A 577 14.42 5.14 -3.51
CA SER A 577 14.73 5.67 -2.16
C SER A 577 14.15 7.03 -1.80
N GLY A 578 13.47 7.68 -2.74
CA GLY A 578 12.88 8.99 -2.43
C GLY A 578 11.81 8.91 -1.34
N LEU A 579 11.47 10.06 -0.76
CA LEU A 579 10.46 10.18 0.29
C LEU A 579 9.05 9.97 -0.27
N GLY A 580 8.79 10.55 -1.44
CA GLY A 580 7.50 10.44 -2.09
C GLY A 580 7.44 9.37 -3.18
N ASN A 581 6.35 9.35 -3.93
CA ASN A 581 6.14 8.34 -4.97
C ASN A 581 6.09 8.78 -6.40
N ASP A 582 6.82 9.84 -6.72
CA ASP A 582 6.85 10.35 -8.10
C ASP A 582 7.41 9.31 -9.06
N ASN A 583 8.44 8.58 -8.60
CA ASN A 583 9.08 7.59 -9.47
C ASN A 583 8.11 6.50 -9.90
N ALA A 584 7.28 6.01 -8.98
CA ALA A 584 6.35 4.97 -9.35
C ALA A 584 5.29 5.52 -10.27
N VAL A 585 4.74 6.68 -9.93
CA VAL A 585 3.71 7.24 -10.80
C VAL A 585 4.22 7.56 -12.21
N LYS A 586 5.38 8.18 -12.31
CA LYS A 586 5.92 8.54 -13.63
C LYS A 586 6.19 7.35 -14.52
N GLN A 587 6.82 6.30 -13.97
CA GLN A 587 7.12 5.18 -14.82
C GLN A 587 5.81 4.56 -15.29
N ALA A 588 4.80 4.51 -14.44
CA ALA A 588 3.52 3.91 -14.85
C ALA A 588 2.89 4.73 -15.97
N GLU A 589 2.89 6.05 -15.83
CA GLU A 589 2.33 6.89 -16.88
C GLU A 589 3.12 6.76 -18.20
N THR A 590 4.44 6.61 -18.13
CA THR A 590 5.25 6.47 -19.35
C THR A 590 4.91 5.16 -20.07
N LEU A 591 4.81 4.09 -19.30
CA LEU A 591 4.44 2.81 -19.86
C LEU A 591 3.04 2.85 -20.47
N PHE A 592 2.11 3.49 -19.77
CA PHE A 592 0.73 3.57 -20.25
C PHE A 592 0.64 4.26 -21.59
N GLN A 593 1.43 5.30 -21.74
CA GLN A 593 1.45 6.03 -22.99
C GLN A 593 1.93 5.12 -24.14
N GLN A 594 2.84 4.19 -23.84
CA GLN A 594 3.34 3.30 -24.87
C GLN A 594 2.34 2.21 -25.21
N ILE A 595 1.64 1.69 -24.20
CA ILE A 595 0.68 0.61 -24.39
C ILE A 595 -0.72 1.06 -24.84
N CYS A 596 -1.16 2.22 -24.36
CA CYS A 596 -2.48 2.77 -24.67
C CYS A 596 -2.33 4.21 -25.15
N PRO A 597 -1.67 4.40 -26.29
CA PRO A 597 -1.46 5.74 -26.83
C PRO A 597 -2.79 6.47 -27.07
N ASN A 598 -2.76 7.79 -26.86
CA ASN A 598 -3.91 8.65 -27.04
C ASN A 598 -5.07 8.38 -26.07
N GLU A 599 -4.80 7.67 -24.98
CA GLU A 599 -5.84 7.39 -23.98
C GLU A 599 -5.59 8.23 -22.72
N ASP A 600 -6.65 8.51 -21.96
CA ASP A 600 -6.55 9.27 -20.72
C ASP A 600 -5.95 8.31 -19.67
N PHE A 601 -5.07 8.82 -18.81
CA PHE A 601 -4.40 8.04 -17.76
C PHE A 601 -5.21 8.00 -16.45
N CYS A 602 -5.88 6.87 -16.22
CA CYS A 602 -6.66 6.64 -15.02
C CYS A 602 -7.82 7.59 -14.73
N PRO A 603 -8.72 7.81 -15.71
CA PRO A 603 -9.88 8.69 -15.52
C PRO A 603 -10.86 8.08 -14.50
N ALA A 604 -11.59 8.93 -13.78
CA ALA A 604 -12.54 8.42 -12.79
C ALA A 604 -13.53 7.47 -13.47
N PRO A 605 -14.08 6.51 -12.73
CA PRO A 605 -15.04 5.59 -13.33
C PRO A 605 -16.33 6.35 -13.63
N PRO A 606 -17.08 5.93 -14.66
CA PRO A 606 -18.33 6.62 -15.00
C PRO A 606 -19.49 6.41 -14.02
N LYS B 6 -23.29 10.82 10.78
CA LYS B 6 -23.62 9.76 9.82
C LYS B 6 -22.92 8.44 10.17
N VAL B 7 -23.66 7.48 10.72
CA VAL B 7 -23.04 6.19 11.06
C VAL B 7 -22.87 5.42 9.75
N LEU B 8 -21.68 4.90 9.51
CA LEU B 8 -21.43 4.18 8.28
C LEU B 8 -21.06 2.72 8.55
N LEU B 9 -21.73 1.80 7.86
CA LEU B 9 -21.50 0.37 8.05
C LEU B 9 -20.86 -0.30 6.83
N LYS B 10 -19.73 -0.95 7.04
CA LYS B 10 -19.06 -1.62 5.94
C LYS B 10 -19.43 -3.09 5.86
N VAL B 11 -20.08 -3.47 4.77
CA VAL B 11 -20.48 -4.85 4.56
C VAL B 11 -19.78 -5.45 3.36
N ILE B 12 -19.22 -6.65 3.52
CA ILE B 12 -18.61 -7.30 2.38
C ILE B 12 -19.36 -8.61 2.12
N ILE B 13 -19.40 -9.00 0.85
CA ILE B 13 -20.09 -10.23 0.45
C ILE B 13 -19.10 -11.28 -0.05
N LEU B 14 -18.95 -12.34 0.71
CA LEU B 14 -18.01 -13.41 0.39
C LEU B 14 -18.69 -14.67 -0.13
N GLY B 15 -17.90 -15.54 -0.75
CA GLY B 15 -18.42 -16.76 -1.32
C GLY B 15 -17.85 -17.03 -2.70
N ASP B 16 -18.04 -18.25 -3.19
CA ASP B 16 -17.49 -18.63 -4.50
C ASP B 16 -18.09 -17.87 -5.68
N SER B 17 -17.32 -17.81 -6.77
CA SER B 17 -17.76 -17.14 -8.00
C SER B 17 -19.03 -17.78 -8.53
N GLY B 18 -19.96 -16.96 -8.99
CA GLY B 18 -21.18 -17.47 -9.56
C GLY B 18 -22.38 -17.75 -8.66
N VAL B 19 -22.25 -17.58 -7.35
CA VAL B 19 -23.38 -17.83 -6.45
C VAL B 19 -24.41 -16.70 -6.44
N GLY B 20 -24.03 -15.53 -6.95
CA GLY B 20 -24.93 -14.39 -7.00
C GLY B 20 -24.60 -13.24 -6.06
N LYS B 21 -23.35 -13.17 -5.58
CA LYS B 21 -22.94 -12.10 -4.67
C LYS B 21 -23.17 -10.72 -5.26
N THR B 22 -22.76 -10.53 -6.50
CA THR B 22 -22.91 -9.23 -7.14
C THR B 22 -24.38 -8.93 -7.41
N SER B 23 -25.15 -9.94 -7.82
CA SER B 23 -26.57 -9.75 -8.13
C SER B 23 -27.36 -9.43 -6.87
N LEU B 24 -26.96 -10.04 -5.76
CA LEU B 24 -27.61 -9.80 -4.48
C LEU B 24 -27.37 -8.34 -4.06
N MET B 25 -26.16 -7.83 -4.27
CA MET B 25 -25.88 -6.45 -3.89
C MET B 25 -26.72 -5.50 -4.76
N ASN B 26 -26.75 -5.76 -6.05
CA ASN B 26 -27.48 -4.93 -6.96
C ASN B 26 -29.00 -4.98 -6.72
N GLN B 27 -29.51 -6.16 -6.40
CA GLN B 27 -30.94 -6.30 -6.15
C GLN B 27 -31.34 -5.47 -4.94
N TYR B 28 -30.56 -5.58 -3.88
CA TYR B 28 -30.85 -4.84 -2.67
C TYR B 28 -30.88 -3.34 -2.95
N VAL B 29 -29.73 -2.81 -3.32
CA VAL B 29 -29.59 -1.37 -3.55
C VAL B 29 -30.40 -0.75 -4.67
N ASN B 30 -30.30 -1.30 -5.87
CA ASN B 30 -30.99 -0.72 -7.03
C ASN B 30 -32.33 -1.34 -7.39
N LYS B 31 -32.72 -2.40 -6.69
CA LYS B 31 -33.99 -3.06 -6.97
C LYS B 31 -34.05 -3.43 -8.45
N LYS B 32 -32.96 -4.02 -8.94
CA LYS B 32 -32.85 -4.42 -10.33
C LYS B 32 -32.02 -5.71 -10.46
N PHE B 33 -32.27 -6.46 -11.51
CA PHE B 33 -31.56 -7.72 -11.79
C PHE B 33 -31.25 -7.79 -13.30
N SER B 34 -29.99 -8.06 -13.62
CA SER B 34 -29.50 -8.14 -15.01
C SER B 34 -29.39 -9.56 -15.55
N ASN B 35 -29.23 -9.66 -16.86
CA ASN B 35 -29.10 -10.95 -17.55
C ASN B 35 -27.83 -11.74 -17.19
N ILE B 41 -20.85 -5.21 -14.94
CA ILE B 41 -19.67 -4.89 -15.74
C ILE B 41 -18.90 -3.70 -15.17
N GLY B 42 -18.80 -3.63 -13.85
CA GLY B 42 -18.10 -2.56 -13.17
C GLY B 42 -18.52 -2.46 -11.70
N ALA B 43 -18.93 -3.59 -11.13
CA ALA B 43 -19.35 -3.65 -9.74
C ALA B 43 -18.15 -3.30 -8.84
N ASP B 44 -18.37 -2.46 -7.83
CA ASP B 44 -17.31 -2.01 -6.93
C ASP B 44 -17.89 -1.95 -5.51
N PHE B 45 -18.59 -0.87 -5.16
CA PHE B 45 -19.26 -0.82 -3.86
C PHE B 45 -20.39 0.20 -3.98
N LEU B 46 -21.52 -0.12 -3.38
CA LEU B 46 -22.68 0.75 -3.41
C LEU B 46 -23.05 1.18 -1.98
N THR B 47 -23.73 2.30 -1.85
CA THR B 47 -24.15 2.79 -0.54
C THR B 47 -25.66 2.99 -0.55
N LYS B 48 -26.27 2.82 0.61
CA LYS B 48 -27.71 2.98 0.69
C LYS B 48 -28.05 3.46 2.08
N GLU B 49 -28.94 4.44 2.16
CA GLU B 49 -29.38 4.98 3.44
C GLU B 49 -30.47 4.05 3.94
N VAL B 50 -30.19 3.29 4.98
CA VAL B 50 -31.17 2.33 5.51
C VAL B 50 -31.63 2.68 6.92
N MET B 51 -32.77 2.12 7.30
CA MET B 51 -33.32 2.34 8.62
C MET B 51 -33.15 1.05 9.40
N VAL B 52 -32.48 1.14 10.55
CA VAL B 52 -32.23 0.00 11.42
C VAL B 52 -32.83 0.35 12.77
N ASP B 53 -34.02 -0.19 13.05
CA ASP B 53 -34.70 0.06 14.31
C ASP B 53 -34.79 1.55 14.62
N ASP B 54 -35.44 2.29 13.71
CA ASP B 54 -35.65 3.73 13.87
C ASP B 54 -34.42 4.61 13.76
N ARG B 55 -33.30 4.03 13.31
CA ARG B 55 -32.09 4.82 13.17
C ARG B 55 -31.60 4.82 11.71
N LEU B 56 -31.36 6.01 11.17
CA LEU B 56 -30.88 6.10 9.80
C LEU B 56 -29.39 5.83 9.74
N VAL B 57 -28.97 4.92 8.87
CA VAL B 57 -27.55 4.62 8.74
C VAL B 57 -27.16 4.43 7.27
N THR B 58 -25.89 4.65 6.98
CA THR B 58 -25.39 4.46 5.64
C THR B 58 -24.75 3.07 5.53
N MET B 59 -25.27 2.25 4.63
CA MET B 59 -24.71 0.93 4.43
C MET B 59 -23.86 0.96 3.18
N GLN B 60 -22.63 0.53 3.32
CA GLN B 60 -21.68 0.50 2.22
C GLN B 60 -21.38 -0.96 2.00
N ILE B 61 -21.81 -1.46 0.84
CA ILE B 61 -21.63 -2.86 0.44
C ILE B 61 -20.51 -3.04 -0.60
N TRP B 62 -19.45 -3.74 -0.21
CA TRP B 62 -18.31 -3.99 -1.08
C TRP B 62 -18.38 -5.32 -1.82
N ASP B 63 -18.13 -5.26 -3.13
CA ASP B 63 -18.18 -6.40 -4.01
C ASP B 63 -16.73 -6.90 -4.17
N THR B 64 -16.57 -8.18 -4.43
CA THR B 64 -15.22 -8.77 -4.60
C THR B 64 -14.51 -8.35 -5.90
N ALA B 65 -15.26 -7.69 -6.78
CA ALA B 65 -14.74 -7.26 -8.08
C ALA B 65 -14.10 -8.46 -8.79
N GLY B 66 -14.65 -9.65 -8.54
CA GLY B 66 -14.17 -10.84 -9.18
C GLY B 66 -12.86 -11.40 -8.67
N GLN B 67 -12.23 -10.74 -7.70
CA GLN B 67 -10.96 -11.25 -7.21
C GLN B 67 -11.02 -12.65 -6.55
N GLU B 68 -12.21 -13.13 -6.22
CA GLU B 68 -12.36 -14.46 -5.62
C GLU B 68 -12.27 -15.58 -6.66
N ARG B 69 -12.46 -15.27 -7.94
CA ARG B 69 -12.42 -16.30 -8.98
C ARG B 69 -11.24 -17.22 -8.79
N PHE B 70 -10.07 -16.65 -8.54
CA PHE B 70 -8.92 -17.51 -8.31
C PHE B 70 -8.38 -17.28 -6.91
N GLN B 71 -9.30 -17.06 -5.96
CA GLN B 71 -8.96 -16.88 -4.55
C GLN B 71 -7.84 -15.88 -4.32
N SER B 72 -8.01 -14.68 -4.87
CA SER B 72 -6.99 -13.67 -4.77
C SER B 72 -7.45 -12.38 -4.17
N LEU B 73 -8.30 -12.48 -3.15
CA LEU B 73 -8.76 -11.29 -2.45
C LEU B 73 -7.68 -10.95 -1.44
N GLY B 74 -7.14 -9.73 -1.50
CA GLY B 74 -6.11 -9.31 -0.57
C GLY B 74 -6.68 -8.78 0.75
N VAL B 75 -5.78 -8.58 1.70
CA VAL B 75 -6.15 -8.12 3.04
C VAL B 75 -6.87 -6.77 3.12
N ALA B 76 -6.48 -5.80 2.31
CA ALA B 76 -7.14 -4.48 2.34
C ALA B 76 -8.66 -4.55 2.10
N PHE B 77 -9.12 -5.55 1.36
CA PHE B 77 -10.55 -5.68 1.09
C PHE B 77 -11.38 -5.93 2.35
N TYR B 78 -10.78 -6.66 3.29
CA TYR B 78 -11.44 -7.04 4.53
C TYR B 78 -11.43 -6.03 5.67
N ARG B 79 -10.48 -5.11 5.67
CA ARG B 79 -10.37 -4.17 6.78
C ARG B 79 -11.60 -3.34 7.13
N GLY B 80 -11.84 -3.21 8.43
CA GLY B 80 -12.96 -2.44 8.93
C GLY B 80 -14.35 -3.00 8.67
N ALA B 81 -14.43 -4.20 8.10
CA ALA B 81 -15.73 -4.78 7.82
C ALA B 81 -16.57 -4.88 9.10
N ASP B 82 -17.85 -4.50 9.02
CA ASP B 82 -18.73 -4.59 10.19
C ASP B 82 -19.61 -5.83 10.15
N CYS B 83 -19.77 -6.41 8.96
CA CYS B 83 -20.56 -7.63 8.78
C CYS B 83 -20.07 -8.35 7.54
N CYS B 84 -19.97 -9.67 7.63
CA CYS B 84 -19.52 -10.48 6.51
C CYS B 84 -20.65 -11.38 6.03
N VAL B 85 -21.10 -11.15 4.80
CA VAL B 85 -22.16 -11.97 4.24
C VAL B 85 -21.56 -13.13 3.46
N LEU B 86 -22.01 -14.34 3.75
CA LEU B 86 -21.52 -15.55 3.09
C LEU B 86 -22.65 -16.09 2.20
N VAL B 87 -22.34 -16.28 0.92
CA VAL B 87 -23.35 -16.71 -0.02
C VAL B 87 -23.02 -18.03 -0.70
N PHE B 88 -24.05 -18.81 -1.00
CA PHE B 88 -23.88 -20.09 -1.69
C PHE B 88 -25.09 -20.23 -2.59
N ASP B 89 -24.95 -21.04 -3.65
CA ASP B 89 -26.01 -21.29 -4.63
C ASP B 89 -26.82 -22.53 -4.17
N VAL B 90 -28.09 -22.38 -3.80
CA VAL B 90 -28.84 -23.56 -3.35
C VAL B 90 -28.87 -24.74 -4.33
N THR B 91 -28.61 -24.49 -5.61
CA THR B 91 -28.60 -25.56 -6.59
C THR B 91 -27.20 -26.10 -6.78
N ALA B 92 -26.25 -25.62 -5.99
CA ALA B 92 -24.85 -26.03 -6.14
C ALA B 92 -24.19 -26.35 -4.79
N PRO B 93 -24.28 -27.62 -4.36
CA PRO B 93 -23.73 -28.12 -3.09
C PRO B 93 -22.26 -27.77 -2.86
N ASN B 94 -21.55 -27.63 -3.97
CA ASN B 94 -20.14 -27.30 -3.96
C ASN B 94 -19.91 -25.92 -3.33
N THR B 95 -20.77 -24.97 -3.67
CA THR B 95 -20.61 -23.62 -3.13
C THR B 95 -21.01 -23.58 -1.64
N PHE B 96 -21.91 -24.48 -1.23
CA PHE B 96 -22.30 -24.54 0.16
C PHE B 96 -21.18 -25.12 1.01
N LYS B 97 -20.46 -26.10 0.47
CA LYS B 97 -19.36 -26.72 1.20
C LYS B 97 -18.16 -25.80 1.49
N THR B 98 -17.94 -24.76 0.69
CA THR B 98 -16.80 -23.87 0.91
C THR B 98 -17.08 -22.76 1.95
N LEU B 99 -18.32 -22.71 2.43
CA LEU B 99 -18.74 -21.72 3.43
C LEU B 99 -17.79 -21.65 4.62
N ASP B 100 -17.31 -22.80 5.07
CA ASP B 100 -16.38 -22.81 6.20
C ASP B 100 -15.05 -22.14 5.87
N SER B 101 -14.55 -22.38 4.65
CA SER B 101 -13.27 -21.79 4.21
C SER B 101 -13.31 -20.26 4.09
N TRP B 102 -14.43 -19.75 3.61
CA TRP B 102 -14.58 -18.31 3.45
C TRP B 102 -14.70 -17.64 4.81
N ARG B 103 -15.37 -18.30 5.76
CA ARG B 103 -15.54 -17.75 7.09
C ARG B 103 -14.18 -17.69 7.79
N ASP B 104 -13.42 -18.78 7.68
CA ASP B 104 -12.07 -18.84 8.27
C ASP B 104 -11.18 -17.77 7.63
N GLU B 105 -11.35 -17.56 6.31
CA GLU B 105 -10.53 -16.59 5.59
C GLU B 105 -10.88 -15.18 6.06
N PHE B 106 -12.15 -14.93 6.32
CA PHE B 106 -12.53 -13.61 6.80
C PHE B 106 -11.85 -13.36 8.13
N LEU B 107 -11.88 -14.34 9.03
CA LEU B 107 -11.26 -14.18 10.34
C LEU B 107 -9.76 -13.91 10.26
N ILE B 108 -9.07 -14.64 9.38
CA ILE B 108 -7.65 -14.41 9.21
C ILE B 108 -7.37 -13.04 8.60
N GLN B 109 -8.09 -12.69 7.53
CA GLN B 109 -7.84 -11.43 6.85
C GLN B 109 -8.26 -10.14 7.58
N ALA B 110 -9.43 -10.14 8.19
CA ALA B 110 -9.94 -8.94 8.87
C ALA B 110 -9.47 -8.83 10.30
N SER B 111 -9.13 -9.96 10.90
CA SER B 111 -8.69 -9.98 12.29
C SER B 111 -9.50 -9.03 13.20
N PRO B 112 -10.81 -9.29 13.33
CA PRO B 112 -11.66 -8.43 14.16
C PRO B 112 -11.52 -8.72 15.65
N ARG B 113 -11.91 -7.76 16.48
CA ARG B 113 -11.87 -7.97 17.92
C ARG B 113 -13.02 -8.90 18.24
N ASP B 114 -12.81 -9.81 19.19
CA ASP B 114 -13.81 -10.78 19.59
C ASP B 114 -14.30 -11.55 18.38
N PRO B 115 -13.39 -12.26 17.71
CA PRO B 115 -13.69 -13.06 16.52
C PRO B 115 -14.98 -13.88 16.64
N GLU B 116 -14.98 -14.80 17.59
CA GLU B 116 -16.11 -15.69 17.81
C GLU B 116 -17.48 -15.03 17.87
N ASN B 117 -17.54 -13.72 18.07
CA ASN B 117 -18.84 -13.06 18.09
C ASN B 117 -19.04 -12.12 16.93
N PHE B 118 -18.20 -12.26 15.91
CA PHE B 118 -18.33 -11.39 14.75
C PHE B 118 -19.61 -11.76 14.00
N PRO B 119 -20.30 -10.77 13.45
CA PRO B 119 -21.54 -11.01 12.71
C PRO B 119 -21.39 -11.61 11.31
N PHE B 120 -21.78 -12.87 11.15
CA PHE B 120 -21.79 -13.49 9.83
C PHE B 120 -23.27 -13.71 9.52
N VAL B 121 -23.65 -13.58 8.24
CA VAL B 121 -25.01 -13.82 7.82
C VAL B 121 -24.89 -14.67 6.54
N VAL B 122 -25.60 -15.80 6.51
CA VAL B 122 -25.55 -16.74 5.40
C VAL B 122 -26.74 -16.64 4.46
N LEU B 123 -26.48 -16.54 3.16
CA LEU B 123 -27.55 -16.44 2.17
C LEU B 123 -27.58 -17.62 1.19
N GLY B 124 -28.66 -18.39 1.20
CA GLY B 124 -28.87 -19.46 0.27
C GLY B 124 -29.64 -18.83 -0.88
N ASN B 125 -28.92 -18.53 -1.95
CA ASN B 125 -29.48 -17.83 -3.09
C ASN B 125 -29.89 -18.71 -4.28
N LYS B 126 -30.71 -18.14 -5.15
CA LYS B 126 -31.24 -18.79 -6.37
C LYS B 126 -32.38 -19.79 -6.12
N ILE B 127 -33.15 -19.54 -5.07
CA ILE B 127 -34.26 -20.42 -4.73
C ILE B 127 -35.30 -20.41 -5.85
N ASP B 128 -35.22 -19.44 -6.74
CA ASP B 128 -36.17 -19.35 -7.85
C ASP B 128 -35.93 -20.49 -8.84
N LEU B 129 -34.81 -21.19 -8.70
CA LEU B 129 -34.48 -22.31 -9.58
C LEU B 129 -35.21 -23.55 -9.08
N GLU B 130 -35.73 -24.34 -10.03
CA GLU B 130 -36.51 -25.55 -9.75
C GLU B 130 -35.75 -26.82 -9.40
N ASN B 131 -34.43 -26.74 -9.30
CA ASN B 131 -33.63 -27.92 -9.00
C ASN B 131 -32.68 -27.76 -7.83
N ARG B 132 -33.15 -27.22 -6.71
CA ARG B 132 -32.26 -27.04 -5.55
C ARG B 132 -31.67 -28.40 -5.10
N GLN B 133 -30.52 -28.36 -4.48
CA GLN B 133 -29.88 -29.59 -4.02
C GLN B 133 -29.34 -29.48 -2.60
N VAL B 134 -29.46 -28.30 -2.01
CA VAL B 134 -29.03 -28.10 -0.64
C VAL B 134 -30.33 -27.81 0.12
N ALA B 135 -30.63 -28.68 1.07
CA ALA B 135 -31.85 -28.57 1.86
C ALA B 135 -31.80 -27.48 2.91
N THR B 136 -32.92 -26.77 3.04
CA THR B 136 -33.05 -25.69 4.01
C THR B 136 -32.63 -26.13 5.40
N LYS B 137 -33.09 -27.31 5.82
CA LYS B 137 -32.76 -27.82 7.15
C LYS B 137 -31.25 -28.03 7.30
N ARG B 138 -30.63 -28.58 6.28
CA ARG B 138 -29.19 -28.86 6.27
C ARG B 138 -28.33 -27.58 6.41
N ALA B 139 -28.77 -26.51 5.78
CA ALA B 139 -28.07 -25.24 5.84
C ALA B 139 -28.29 -24.61 7.21
N GLN B 140 -29.55 -24.58 7.68
CA GLN B 140 -29.88 -23.99 8.99
C GLN B 140 -29.07 -24.66 10.07
N ALA B 141 -28.84 -25.94 9.89
CA ALA B 141 -28.07 -26.66 10.87
C ALA B 141 -26.64 -26.13 10.89
N TRP B 142 -26.04 -26.03 9.70
CA TRP B 142 -24.64 -25.55 9.60
C TRP B 142 -24.46 -24.17 10.21
N CYS B 143 -25.40 -23.27 9.90
CA CYS B 143 -25.33 -21.91 10.43
C CYS B 143 -25.47 -21.94 11.93
N TYR B 144 -26.16 -22.97 12.44
CA TYR B 144 -26.35 -23.10 13.87
C TYR B 144 -25.08 -23.58 14.55
N SER B 145 -24.31 -24.40 13.86
CA SER B 145 -23.07 -24.93 14.43
C SER B 145 -21.96 -23.88 14.50
N LYS B 146 -22.26 -22.68 13.99
CA LYS B 146 -21.29 -21.58 13.97
C LYS B 146 -21.76 -20.36 14.76
N ASN B 147 -22.12 -20.58 16.03
CA ASN B 147 -22.57 -19.52 16.91
C ASN B 147 -23.91 -18.93 16.50
N ASN B 148 -24.78 -19.81 16.02
CA ASN B 148 -26.12 -19.43 15.60
C ASN B 148 -26.12 -18.23 14.65
N ILE B 149 -25.54 -18.44 13.46
CA ILE B 149 -25.47 -17.46 12.39
C ILE B 149 -26.83 -17.41 11.72
N PRO B 150 -27.38 -16.20 11.50
CA PRO B 150 -28.70 -16.07 10.85
C PRO B 150 -28.63 -16.61 9.42
N TYR B 151 -29.67 -17.31 9.01
CA TYR B 151 -29.75 -17.91 7.69
C TYR B 151 -30.94 -17.38 6.91
N PHE B 152 -30.74 -17.08 5.63
CA PHE B 152 -31.82 -16.62 4.80
C PHE B 152 -31.70 -17.26 3.43
N GLU B 153 -32.84 -17.58 2.80
CA GLU B 153 -32.83 -18.14 1.45
C GLU B 153 -33.31 -16.97 0.60
N THR B 154 -32.56 -16.69 -0.47
CA THR B 154 -32.87 -15.54 -1.31
C THR B 154 -32.94 -15.82 -2.79
N SER B 155 -33.46 -14.83 -3.52
CA SER B 155 -33.49 -14.88 -4.96
C SER B 155 -33.26 -13.46 -5.46
N ALA B 156 -32.05 -13.21 -5.94
CA ALA B 156 -31.70 -11.90 -6.46
C ALA B 156 -32.55 -11.62 -7.68
N LYS B 157 -32.81 -12.67 -8.46
CA LYS B 157 -33.62 -12.56 -9.68
C LYS B 157 -35.08 -12.19 -9.43
N GLU B 158 -35.79 -12.96 -8.61
CA GLU B 158 -37.19 -12.67 -8.34
C GLU B 158 -37.37 -11.75 -7.14
N ALA B 159 -36.28 -11.11 -6.70
CA ALA B 159 -36.32 -10.21 -5.55
C ALA B 159 -37.11 -10.83 -4.37
N ILE B 160 -36.61 -11.96 -3.87
CA ILE B 160 -37.26 -12.64 -2.75
C ILE B 160 -36.37 -12.69 -1.52
N ASN B 161 -36.86 -12.14 -0.42
CA ASN B 161 -36.14 -12.17 0.84
C ASN B 161 -34.84 -11.36 0.92
N VAL B 162 -34.57 -10.61 -0.13
CA VAL B 162 -33.37 -9.79 -0.19
C VAL B 162 -33.47 -8.63 0.81
N GLU B 163 -34.52 -7.84 0.69
CA GLU B 163 -34.69 -6.71 1.60
C GLU B 163 -34.77 -7.20 3.04
N GLN B 164 -35.36 -8.36 3.23
CA GLN B 164 -35.51 -8.92 4.56
C GLN B 164 -34.16 -9.39 5.11
N ALA B 165 -33.35 -10.03 4.29
CA ALA B 165 -32.05 -10.50 4.74
C ALA B 165 -31.13 -9.32 5.11
N PHE B 166 -31.16 -8.26 4.32
CA PHE B 166 -30.29 -7.16 4.65
C PHE B 166 -30.71 -6.37 5.88
N GLN B 167 -31.91 -6.64 6.38
CA GLN B 167 -32.38 -5.96 7.58
C GLN B 167 -31.59 -6.51 8.76
N THR B 168 -31.39 -7.82 8.82
CA THR B 168 -30.61 -8.31 9.93
C THR B 168 -29.12 -8.05 9.70
N ILE B 169 -28.67 -8.01 8.44
CA ILE B 169 -27.26 -7.73 8.15
C ILE B 169 -26.95 -6.32 8.69
N ALA B 170 -27.80 -5.38 8.31
CA ALA B 170 -27.67 -4.00 8.76
C ALA B 170 -27.66 -3.96 10.30
N ARG B 171 -28.66 -4.58 10.93
CA ARG B 171 -28.74 -4.58 12.38
C ARG B 171 -27.53 -5.21 13.02
N ASN B 172 -27.09 -6.36 12.52
CA ASN B 172 -25.91 -6.99 13.11
C ASN B 172 -24.63 -6.17 12.86
N ALA B 173 -24.56 -5.50 11.73
CA ALA B 173 -23.38 -4.71 11.41
C ALA B 173 -23.35 -3.46 12.26
N LEU B 174 -24.54 -2.95 12.58
CA LEU B 174 -24.64 -1.74 13.40
C LEU B 174 -24.16 -2.07 14.82
N LYS B 175 -24.56 -3.24 15.30
CA LYS B 175 -24.16 -3.65 16.64
C LYS B 175 -22.63 -3.79 16.69
N GLN B 176 -22.04 -4.42 15.68
CA GLN B 176 -20.58 -4.61 15.63
C GLN B 176 -19.81 -3.28 15.53
N GLU B 177 -20.23 -2.41 14.62
CA GLU B 177 -19.54 -1.13 14.44
C GLU B 177 -19.65 -0.27 15.70
N THR B 178 -20.79 -0.35 16.38
CA THR B 178 -21.03 0.38 17.62
C THR B 178 -20.07 -0.14 18.68
N GLU B 179 -19.88 -1.45 18.75
CA GLU B 179 -18.93 -1.96 19.73
C GLU B 179 -17.51 -1.53 19.36
N VAL B 180 -17.23 -1.44 18.06
CA VAL B 180 -15.91 -1.05 17.58
C VAL B 180 -15.62 0.42 17.92
N GLU B 181 -16.62 1.26 17.76
CA GLU B 181 -16.46 2.68 18.03
C GLU B 181 -16.32 2.91 19.56
N LEU B 182 -16.94 2.03 20.35
CA LEU B 182 -16.89 2.13 21.80
C LEU B 182 -15.45 1.97 22.29
N TYR B 183 -14.67 1.18 21.56
CA TYR B 183 -13.29 0.93 21.93
C TYR B 183 -12.32 1.85 21.21
N ASN B 184 -12.80 2.53 20.19
CA ASN B 184 -11.96 3.44 19.41
C ASN B 184 -11.58 4.71 20.16
N GLU B 185 -10.30 4.89 20.47
CA GLU B 185 -9.88 6.10 21.17
C GLU B 185 -9.43 7.19 20.20
N PHE B 186 -9.11 6.77 18.98
CA PHE B 186 -8.61 7.67 17.95
C PHE B 186 -9.71 8.40 17.17
N PRO B 187 -9.41 9.64 16.70
CA PRO B 187 -10.40 10.40 15.94
C PRO B 187 -10.56 9.83 14.53
N GLU B 188 -11.42 10.46 13.74
CA GLU B 188 -11.67 10.00 12.37
C GLU B 188 -10.51 10.23 11.42
N PRO B 189 -10.18 9.22 10.61
CA PRO B 189 -9.08 9.41 9.66
C PRO B 189 -9.46 10.33 8.51
N ILE B 190 -8.45 10.84 7.83
CA ILE B 190 -8.63 11.74 6.71
C ILE B 190 -9.01 11.04 5.43
N LYS B 191 -9.98 11.62 4.71
CA LYS B 191 -10.43 11.11 3.41
C LYS B 191 -10.09 12.20 2.37
N LEU B 192 -9.42 11.83 1.29
CA LEU B 192 -9.02 12.79 0.28
C LEU B 192 -10.20 13.47 -0.43
CL CL C . 3.98 11.49 -2.95
C1 GER D . 1.78 28.96 -0.25
C2 GER D . 3.11 29.62 0.17
C3 GER D . 3.34 30.38 1.32
C4 GER D . 2.17 30.61 2.31
C5 GER D . 4.76 30.98 1.55
C6 GER D . 5.22 31.85 2.75
C7 GER D . 5.90 31.00 3.84
C8 GER D . 5.36 30.75 5.10
C9 GER D . 3.98 31.36 5.46
C10 GER D . 6.25 29.87 6.01
C11 GER D . 5.73 28.67 6.84
C12 GER D . 6.94 28.39 7.78
C13 GER D . 7.83 27.32 7.67
C14 GER D . 7.68 26.30 6.53
C15 GER D . 8.98 27.19 8.71
C16 GER D . 10.33 26.52 8.44
C17 GER D . 11.39 26.92 9.49
C18 GER D . 12.46 26.13 9.92
C19 GER D . 12.65 24.71 9.31
C20 GER D . 13.34 26.83 10.99
MG MG E . -19.35 -10.81 -8.60
PB GDP F . -20.94 -13.72 -8.21
O1B GDP F . -20.04 -14.37 -9.17
O2B GDP F . -21.10 -14.46 -6.91
O3B GDP F . -20.53 -12.34 -7.67
O3A GDP F . -22.57 -13.68 -8.77
PA GDP F . -23.08 -12.94 -10.11
O1A GDP F . -24.00 -12.00 -9.42
O2A GDP F . -22.18 -12.27 -11.08
O5' GDP F . -24.06 -14.11 -10.70
C5' GDP F . -23.63 -15.24 -11.43
C4' GDP F . -24.73 -15.72 -12.40
O4' GDP F . -25.99 -16.21 -11.80
C3' GDP F . -25.27 -14.63 -13.40
O3' GDP F . -25.42 -15.34 -14.67
C2' GDP F . -26.62 -14.17 -12.79
O2' GDP F . -27.59 -13.73 -13.73
C1' GDP F . -27.09 -15.38 -12.04
N9 GDP F . -27.81 -15.11 -10.73
C8 GDP F . -27.49 -14.37 -9.62
N7 GDP F . -28.41 -14.41 -8.70
C5 GDP F . -29.42 -15.21 -9.22
C6 GDP F . -30.70 -15.64 -8.69
O6 GDP F . -31.20 -15.36 -7.60
N1 GDP F . -31.42 -16.48 -9.59
C2 GDP F . -30.99 -16.88 -10.82
N2 GDP F . -31.80 -17.67 -11.50
N3 GDP F . -29.78 -16.48 -11.35
C4 GDP F . -29.08 -15.67 -10.48
O1 PG4 G . -11.29 -23.38 -1.55
C1 PG4 G . -12.30 -22.40 -1.72
C2 PG4 G . -12.55 -21.62 -0.43
O2 PG4 G . -12.01 -20.30 -0.52
C3 PG4 G . -11.43 -19.86 0.69
C4 PG4 G . -10.43 -18.75 0.37
O3 PG4 G . -9.11 -19.25 0.48
C5 PG4 G . -8.14 -18.24 0.58
C6 PG4 G . -7.13 -18.41 -0.56
O4 PG4 G . -6.17 -19.38 -0.14
C7 PG4 G . -5.81 -20.28 -1.15
C8 PG4 G . -5.06 -21.45 -0.50
O5 PG4 G . -4.50 -22.23 -1.52
#